data_2GVZ
#
_entry.id   2GVZ
#
_cell.length_a   116.800
_cell.length_b   132.100
_cell.length_c   69.600
_cell.angle_alpha   90.00
_cell.angle_beta   90.00
_cell.angle_gamma   90.00
#
_symmetry.space_group_name_H-M   'P 21 21 2'
#
loop_
_entity.id
_entity.type
_entity.pdbx_description
1 polymer 'Adenylate cyclase type 5'
2 polymer 'Adenylate cyclase type 2'
3 polymer 'Guanine nucleotide-binding protein G(s), alpha subunit'
4 non-polymer 'MANGANESE (II) ION'
5 non-polymer METHYLPIPERAZINOFORSKOLIN
6 non-polymer "3'-O-[2-(METHYLAMINO)BENZOYL]ADENOSINE 5'-(TETRAHYDROGEN TRIPHOSPHATE)"
7 non-polymer 'CHLORIDE ION'
8 non-polymer "5'-GUANOSINE-DIPHOSPHATE-MONOTHIOPHOSPHATE"
#
loop_
_entity_poly.entity_id
_entity_poly.type
_entity_poly.pdbx_seq_one_letter_code
_entity_poly.pdbx_strand_id
1 'polypeptide(L)'
;MHHHHHHAMEMKADINAKQEDMMFHKIYIQKHDNVSILFADIEGFTSLASQCTAQELVMTLNELFARFDKLAAENHCLRI
KILGDCYYCVSGLPEARADHAHCCVEMGMDMIEAISLVREMTGVNVNMRVGIHSGRVHCGVLGLRKWQFDVWSNDVTLAN
HMEAGGKAGRIHITKATLSYLNGDYEVEPGCGGERNAYLKEHSIETFLILRCTQKRKEEKAMIAK
;
A
2 'polypeptide(L)'
;RSLKNEELYHQSYDCVCVMFASIPDFKEFYTESDVNKEGLECLRLLNEIIADFDDLLSKPKFSGVEKIKTIGSTYMAATG
LSAIPSQEHAQEPERQYMHIGTMVEFAYALVGKLDAINKHSFNDFKLRVGINHGPVIAGVIGAQKPQYDIWGNTVNVASR
MDSTGVLDKIQVTEETSLILQTLGYTCTCRGIINVKGKGDLKTYFVNTEMSR
;
B
3 'polypeptide(L)'
;MGCLGNSKTEDQRNEEKAQREANKKIEKQLQKDKQVYRATHRLLLLGAGESGKSTIVKQMRILHVNGFNGEGGEEDPQAA
RSNSDGEKATKVQDIKNNLKEAIETIVAAMSNLVPPVELANPENQFRVDYILSVMNVPDFDFPPEFYEHAKALWEDEGVR
ACYERSNEYQLIDCAQYFLDKIDVIKQDDYVPSDQDLLRCRVLTSGIFETKFQVDKVNFHMFDVGGQRDERRKWIQCFND
VTAIIFVVASSSYNMVIREDNQTNRLQEALNLFKSIWNNRWLRTISVILFLNKQDLLAEKVLAGKSKIEDYFPEFARYTT
PEDATPEPGEDPRVTRAKYFIRDEFLRISTASGDGRHYCYPHFTCAVDTENIRRVFNDCRDIIQRMHLRQYELL
;
C
#
loop_
_chem_comp.id
_chem_comp.type
_chem_comp.name
_chem_comp.formula
CL non-polymer 'CHLORIDE ION' 'Cl -1'
FKP non-polymer METHYLPIPERAZINOFORSKOLIN 'C30 H50 N2 O7'
GSP non-polymer 5'-GUANOSINE-DIPHOSPHATE-MONOTHIOPHOSPHATE 'C10 H16 N5 O13 P3 S'
MN non-polymer 'MANGANESE (II) ION' 'Mn 2'
ONA non-polymer '3'-O-[2-(METHYLAMINO)BENZOYL]ADENOSINE 5'-(TETRAHYDROGEN TRIPHOSPHATE)' 'C18 H23 N6 O14 P3'
#
# COMPACT_ATOMS: atom_id res chain seq x y z
N MET A 22 -10.21 -8.53 -16.76
CA MET A 22 -9.42 -8.19 -17.99
C MET A 22 -8.33 -7.16 -17.71
N MET A 23 -8.57 -6.27 -16.74
CA MET A 23 -7.59 -5.23 -16.37
C MET A 23 -6.60 -5.80 -15.37
N PHE A 24 -7.15 -6.42 -14.34
CA PHE A 24 -6.36 -7.08 -13.30
C PHE A 24 -6.54 -8.57 -13.60
N HIS A 25 -5.44 -9.31 -13.74
CA HIS A 25 -5.53 -10.73 -13.99
C HIS A 25 -6.54 -11.35 -13.04
N LYS A 26 -7.15 -12.45 -13.45
CA LYS A 26 -8.17 -13.13 -12.65
C LYS A 26 -8.05 -13.29 -11.14
N ILE A 27 -6.85 -13.49 -10.63
CA ILE A 27 -6.67 -13.70 -9.20
C ILE A 27 -7.73 -14.68 -8.68
N TYR A 28 -7.40 -15.97 -8.71
CA TYR A 28 -8.30 -17.01 -8.23
C TYR A 28 -8.29 -17.08 -6.72
N ILE A 29 -8.84 -16.06 -6.09
CA ILE A 29 -8.90 -15.97 -4.64
C ILE A 29 -10.36 -15.83 -4.22
N GLN A 30 -10.71 -16.40 -3.07
CA GLN A 30 -12.09 -16.33 -2.59
C GLN A 30 -12.18 -16.13 -1.06
N LYS A 31 -12.85 -15.06 -0.63
CA LYS A 31 -12.99 -14.80 0.80
C LYS A 31 -13.69 -15.98 1.44
N HIS A 32 -13.51 -16.14 2.75
CA HIS A 32 -14.14 -17.22 3.49
C HIS A 32 -14.07 -16.76 4.94
N ASP A 33 -15.23 -16.49 5.53
CA ASP A 33 -15.30 -15.88 6.86
C ASP A 33 -15.24 -16.50 8.25
N ASN A 34 -15.56 -17.77 8.44
CA ASN A 34 -15.45 -18.27 9.80
C ASN A 34 -14.82 -19.65 9.80
N VAL A 35 -13.50 -19.68 9.98
CA VAL A 35 -12.73 -20.93 10.00
C VAL A 35 -11.65 -20.92 11.07
N SER A 36 -11.08 -22.08 11.35
CA SER A 36 -10.02 -22.19 12.32
C SER A 36 -8.75 -22.50 11.52
N ILE A 37 -7.63 -21.91 11.92
CA ILE A 37 -6.35 -22.10 11.23
C ILE A 37 -5.29 -22.68 12.17
N LEU A 38 -4.73 -23.85 11.81
CA LEU A 38 -3.72 -24.48 12.64
C LEU A 38 -2.30 -24.40 12.09
N PHE A 39 -1.34 -24.12 12.95
CA PHE A 39 0.04 -24.04 12.54
C PHE A 39 0.94 -24.90 13.43
N ALA A 40 1.83 -25.64 12.79
CA ALA A 40 2.72 -26.51 13.52
C ALA A 40 4.17 -26.39 13.07
N ASP A 41 5.09 -26.51 14.02
CA ASP A 41 6.52 -26.43 13.75
C ASP A 41 7.27 -27.40 14.64
N ILE A 42 8.18 -28.16 14.04
CA ILE A 42 8.98 -29.13 14.76
C ILE A 42 9.93 -28.38 15.70
N GLU A 43 9.54 -28.22 16.96
CA GLU A 43 10.40 -27.50 17.89
C GLU A 43 11.80 -28.08 17.99
N GLY A 44 12.80 -27.22 17.78
CA GLY A 44 14.19 -27.64 17.86
C GLY A 44 14.76 -28.45 16.72
N PHE A 45 14.01 -28.58 15.63
CA PHE A 45 14.45 -29.36 14.49
C PHE A 45 15.89 -29.21 14.02
N THR A 46 16.34 -27.98 13.77
CA THR A 46 17.69 -27.77 13.28
C THR A 46 18.72 -28.51 14.14
N SER A 47 18.36 -28.72 15.40
CA SER A 47 19.24 -29.43 16.34
C SER A 47 19.35 -30.86 15.85
N LEU A 48 18.22 -31.39 15.43
CA LEU A 48 18.12 -32.75 14.94
C LEU A 48 19.03 -32.88 13.71
N ALA A 49 19.05 -31.81 12.91
CA ALA A 49 19.82 -31.74 11.67
C ALA A 49 21.33 -31.98 11.76
N SER A 50 22.01 -31.28 12.66
CA SER A 50 23.46 -31.45 12.77
C SER A 50 23.86 -32.83 13.24
N GLN A 51 22.87 -33.70 13.44
CA GLN A 51 23.13 -35.07 13.90
C GLN A 51 22.84 -36.13 12.81
N CYS A 52 21.72 -36.00 12.11
CA CYS A 52 21.32 -36.97 11.09
C CYS A 52 21.61 -36.66 9.61
N THR A 53 21.69 -37.71 8.80
CA THR A 53 21.94 -37.57 7.36
C THR A 53 20.82 -36.78 6.73
N ALA A 54 21.16 -35.97 5.76
CA ALA A 54 20.16 -35.15 5.08
C ALA A 54 19.02 -36.04 4.62
N GLN A 55 19.35 -37.24 4.19
CA GLN A 55 18.36 -38.18 3.71
C GLN A 55 17.39 -38.64 4.81
N GLU A 56 17.92 -39.16 5.92
CA GLU A 56 17.03 -39.63 7.00
C GLU A 56 16.18 -38.47 7.51
N LEU A 57 16.68 -37.26 7.35
CA LEU A 57 15.93 -36.10 7.78
C LEU A 57 14.80 -35.85 6.80
N VAL A 58 15.13 -35.67 5.53
CA VAL A 58 14.10 -35.44 4.51
C VAL A 58 13.08 -36.57 4.60
N MET A 59 13.53 -37.71 5.13
CA MET A 59 12.68 -38.88 5.28
C MET A 59 11.85 -38.78 6.54
N THR A 60 12.50 -38.57 7.67
CA THR A 60 11.80 -38.44 8.94
C THR A 60 10.74 -37.37 8.79
N LEU A 61 11.15 -36.30 8.10
CA LEU A 61 10.30 -35.17 7.81
C LEU A 61 9.09 -35.65 7.02
N ASN A 62 9.37 -36.26 5.87
CA ASN A 62 8.32 -36.78 4.99
C ASN A 62 7.47 -37.79 5.74
N GLU A 63 8.13 -38.68 6.47
CA GLU A 63 7.46 -39.70 7.26
C GLU A 63 6.39 -39.02 8.07
N LEU A 64 6.82 -38.09 8.90
CA LEU A 64 5.93 -37.32 9.76
C LEU A 64 4.76 -36.71 9.01
N PHE A 65 5.06 -36.02 7.90
CA PHE A 65 4.04 -35.36 7.10
C PHE A 65 3.09 -36.31 6.39
N ALA A 66 3.51 -37.55 6.22
CA ALA A 66 2.66 -38.54 5.59
C ALA A 66 1.52 -38.82 6.57
N ARG A 67 1.89 -39.11 7.81
CA ARG A 67 0.93 -39.38 8.86
C ARG A 67 0.14 -38.11 9.16
N PHE A 68 0.71 -36.95 8.84
CA PHE A 68 0.02 -35.69 9.09
C PHE A 68 -1.19 -35.50 8.19
N ASP A 69 -1.00 -35.68 6.89
CA ASP A 69 -2.11 -35.50 5.95
C ASP A 69 -3.24 -36.50 6.25
N LYS A 70 -2.90 -37.60 6.94
CA LYS A 70 -3.87 -38.62 7.33
C LYS A 70 -4.69 -38.04 8.50
N LEU A 71 -4.00 -37.78 9.61
CA LEU A 71 -4.63 -37.22 10.81
C LEU A 71 -5.35 -35.94 10.42
N ALA A 72 -4.99 -35.39 9.27
CA ALA A 72 -5.59 -34.17 8.76
C ALA A 72 -7.00 -34.38 8.24
N ALA A 73 -7.14 -35.20 7.20
CA ALA A 73 -8.44 -35.46 6.58
C ALA A 73 -9.46 -36.19 7.47
N GLU A 74 -8.98 -36.73 8.60
CA GLU A 74 -9.86 -37.45 9.54
C GLU A 74 -10.65 -36.47 10.41
N ASN A 75 -9.94 -35.51 11.00
CA ASN A 75 -10.59 -34.53 11.85
C ASN A 75 -11.30 -33.49 10.99
N HIS A 76 -11.51 -33.82 9.72
CA HIS A 76 -12.19 -32.95 8.78
C HIS A 76 -11.52 -31.61 8.45
N CYS A 77 -10.19 -31.56 8.53
CA CYS A 77 -9.47 -30.34 8.21
C CYS A 77 -8.69 -30.46 6.90
N LEU A 78 -8.28 -29.32 6.36
CA LEU A 78 -7.56 -29.26 5.09
C LEU A 78 -6.17 -28.67 5.21
N ARG A 79 -5.17 -29.37 4.69
CA ARG A 79 -3.78 -28.90 4.73
C ARG A 79 -3.52 -27.95 3.57
N ILE A 80 -3.01 -26.77 3.91
CA ILE A 80 -2.76 -25.73 2.93
C ILE A 80 -1.45 -25.90 2.19
N LYS A 81 -0.34 -25.71 2.90
CA LYS A 81 0.98 -25.82 2.29
C LYS A 81 2.01 -26.30 3.32
N ILE A 82 3.22 -26.55 2.85
CA ILE A 82 4.33 -26.99 3.70
C ILE A 82 5.57 -26.18 3.41
N LEU A 83 6.22 -25.76 4.49
CA LEU A 83 7.43 -24.96 4.39
C LEU A 83 8.51 -25.61 5.26
N GLY A 84 9.33 -26.47 4.67
CA GLY A 84 10.37 -27.12 5.46
C GLY A 84 9.78 -27.90 6.63
N ASP A 85 9.80 -27.32 7.82
CA ASP A 85 9.24 -27.99 8.99
C ASP A 85 7.91 -27.37 9.40
N CYS A 86 7.44 -26.38 8.65
CA CYS A 86 6.16 -25.74 8.99
C CYS A 86 5.00 -26.28 8.15
N TYR A 87 4.14 -27.02 8.82
CA TYR A 87 3.00 -27.66 8.21
C TYR A 87 1.73 -27.02 8.73
N TYR A 88 1.06 -26.22 7.92
CA TYR A 88 -0.17 -25.56 8.38
C TYR A 88 -1.44 -25.91 7.63
N CYS A 89 -2.35 -26.54 8.37
CA CYS A 89 -3.63 -27.00 7.86
C CYS A 89 -4.80 -26.23 8.45
N VAL A 90 -5.59 -25.61 7.59
CA VAL A 90 -6.73 -24.85 8.04
C VAL A 90 -7.89 -25.82 8.18
N SER A 91 -9.03 -25.30 8.64
CA SER A 91 -10.24 -26.09 8.82
C SER A 91 -11.42 -25.23 8.40
N GLY A 92 -12.53 -25.85 8.05
CA GLY A 92 -13.69 -25.08 7.64
C GLY A 92 -13.64 -24.77 6.15
N LEU A 93 -12.86 -25.56 5.42
CA LEU A 93 -12.72 -25.38 3.98
C LEU A 93 -12.75 -26.72 3.24
N PRO A 94 -13.20 -26.69 1.98
CA PRO A 94 -13.64 -25.46 1.30
C PRO A 94 -15.09 -25.20 1.70
N GLU A 95 -15.86 -26.26 1.75
CA GLU A 95 -17.27 -26.18 2.12
C GLU A 95 -17.26 -25.76 3.58
N ALA A 96 -18.07 -24.74 3.90
CA ALA A 96 -18.15 -24.20 5.25
C ALA A 96 -18.63 -25.19 6.31
N ARG A 97 -17.85 -25.31 7.37
CA ARG A 97 -18.17 -26.20 8.48
C ARG A 97 -18.11 -25.37 9.77
N ALA A 98 -19.24 -25.20 10.44
CA ALA A 98 -19.28 -24.43 11.68
C ALA A 98 -18.46 -25.12 12.77
N ASP A 99 -17.95 -26.29 12.44
CA ASP A 99 -17.16 -27.09 13.37
C ASP A 99 -15.68 -26.72 13.40
N HIS A 100 -15.28 -25.72 12.60
CA HIS A 100 -13.88 -25.33 12.52
C HIS A 100 -13.12 -25.33 13.84
N ALA A 101 -13.77 -24.88 14.89
CA ALA A 101 -13.14 -24.84 16.19
C ALA A 101 -12.43 -26.14 16.54
N HIS A 102 -13.20 -27.13 17.01
CA HIS A 102 -12.68 -28.44 17.42
C HIS A 102 -11.73 -29.09 16.43
N CYS A 103 -11.99 -28.87 15.14
CA CYS A 103 -11.16 -29.47 14.09
C CYS A 103 -9.68 -29.25 14.32
N CYS A 104 -9.24 -28.00 14.26
CA CYS A 104 -7.85 -27.70 14.48
C CYS A 104 -7.47 -28.19 15.86
N VAL A 105 -8.41 -28.10 16.80
CA VAL A 105 -8.17 -28.52 18.16
C VAL A 105 -7.70 -29.97 18.24
N GLU A 106 -8.46 -30.88 17.65
CA GLU A 106 -8.08 -32.28 17.68
C GLU A 106 -6.91 -32.51 16.74
N MET A 107 -6.76 -31.64 15.75
CA MET A 107 -5.66 -31.75 14.80
C MET A 107 -4.37 -31.71 15.62
N GLY A 108 -4.27 -30.69 16.47
CA GLY A 108 -3.10 -30.55 17.31
C GLY A 108 -3.07 -31.76 18.23
N MET A 109 -4.25 -32.15 18.71
CA MET A 109 -4.37 -33.31 19.60
C MET A 109 -3.67 -34.51 18.99
N ASP A 110 -4.08 -34.84 17.78
CA ASP A 110 -3.49 -35.95 17.05
C ASP A 110 -2.02 -35.60 16.79
N MET A 111 -1.80 -34.40 16.27
CA MET A 111 -0.43 -33.96 15.95
C MET A 111 0.57 -34.19 17.09
N ILE A 112 0.12 -34.05 18.34
CA ILE A 112 1.01 -34.25 19.47
C ILE A 112 1.49 -35.70 19.54
N GLU A 113 0.55 -36.65 19.50
CA GLU A 113 0.91 -38.07 19.55
C GLU A 113 1.53 -38.46 18.22
N ALA A 114 1.42 -37.58 17.23
CA ALA A 114 1.98 -37.85 15.91
C ALA A 114 3.50 -37.91 15.96
N ILE A 115 4.08 -37.40 17.04
CA ILE A 115 5.53 -37.44 17.19
C ILE A 115 5.87 -38.50 18.23
N SER A 116 5.32 -39.69 18.03
CA SER A 116 5.56 -40.80 18.94
C SER A 116 6.93 -41.39 18.62
N LEU A 117 7.96 -40.76 19.14
CA LEU A 117 9.32 -41.23 18.88
C LEU A 117 9.58 -42.66 19.34
N VAL A 118 8.63 -43.25 20.07
CA VAL A 118 8.74 -44.62 20.55
C VAL A 118 8.80 -45.56 19.33
N ARG A 119 8.18 -45.16 18.23
CA ARG A 119 8.19 -45.94 16.98
C ARG A 119 8.87 -45.14 15.87
N GLU A 120 9.08 -43.84 16.12
CA GLU A 120 9.77 -42.96 15.19
C GLU A 120 11.15 -42.73 15.82
N MET A 121 12.14 -43.51 15.39
CA MET A 121 13.51 -43.41 15.93
C MET A 121 14.20 -42.14 15.43
N THR A 122 13.46 -41.03 15.40
CA THR A 122 13.99 -39.78 14.88
C THR A 122 15.23 -39.10 15.48
N GLY A 123 15.73 -39.58 16.61
CA GLY A 123 16.89 -38.94 17.19
C GLY A 123 16.44 -37.88 18.18
N VAL A 124 17.39 -37.10 18.70
CA VAL A 124 17.13 -36.07 19.69
C VAL A 124 15.77 -35.36 19.76
N ASN A 125 15.04 -35.72 20.80
CA ASN A 125 13.73 -35.17 21.19
C ASN A 125 13.11 -34.01 20.40
N VAL A 126 12.16 -34.32 19.53
CA VAL A 126 11.48 -33.30 18.75
C VAL A 126 10.08 -33.16 19.33
N ASN A 127 9.40 -32.08 18.98
CA ASN A 127 8.04 -31.86 19.46
C ASN A 127 7.40 -30.76 18.63
N MET A 128 6.09 -30.82 18.50
CA MET A 128 5.38 -29.81 17.74
C MET A 128 5.17 -28.61 18.62
N ARG A 129 4.77 -27.51 17.99
CA ARG A 129 4.51 -26.28 18.69
C ARG A 129 3.28 -25.75 18.01
N VAL A 130 2.18 -26.45 18.24
CA VAL A 130 0.92 -26.08 17.67
C VAL A 130 0.59 -24.65 18.04
N GLY A 131 -0.07 -23.97 17.11
CA GLY A 131 -0.46 -22.61 17.32
C GLY A 131 -1.72 -22.37 16.49
N ILE A 132 -2.87 -22.60 17.11
CA ILE A 132 -4.15 -22.44 16.44
C ILE A 132 -4.67 -21.01 16.59
N HIS A 133 -5.76 -20.70 15.91
CA HIS A 133 -6.39 -19.40 15.96
C HIS A 133 -7.64 -19.46 15.11
N SER A 134 -8.57 -18.53 15.32
CA SER A 134 -9.78 -18.52 14.53
C SER A 134 -10.03 -17.12 14.00
N GLY A 135 -10.68 -17.04 12.85
CA GLY A 135 -10.98 -15.74 12.27
C GLY A 135 -11.48 -15.92 10.85
N ARG A 136 -11.35 -14.90 10.03
CA ARG A 136 -11.79 -15.00 8.65
C ARG A 136 -10.56 -15.11 7.73
N VAL A 137 -10.72 -15.68 6.55
CA VAL A 137 -9.58 -15.83 5.65
C VAL A 137 -9.84 -15.34 4.23
N HIS A 138 -8.84 -15.57 3.39
CA HIS A 138 -8.87 -15.23 1.99
C HIS A 138 -7.97 -16.27 1.40
N CYS A 139 -8.55 -17.32 0.82
CA CYS A 139 -7.75 -18.39 0.24
C CYS A 139 -7.87 -18.47 -1.27
N GLY A 140 -6.89 -19.12 -1.87
CA GLY A 140 -6.87 -19.27 -3.30
C GLY A 140 -5.45 -19.57 -3.76
N VAL A 141 -5.04 -18.89 -4.82
CA VAL A 141 -3.70 -19.08 -5.35
C VAL A 141 -3.21 -17.85 -6.08
N LEU A 142 -1.98 -17.47 -5.78
CA LEU A 142 -1.36 -16.30 -6.38
C LEU A 142 -0.44 -16.70 -7.50
N GLY A 143 -0.33 -15.83 -8.47
CA GLY A 143 0.53 -16.08 -9.60
C GLY A 143 -0.24 -16.74 -10.70
N LEU A 144 0.48 -17.27 -11.68
CA LEU A 144 -0.14 -17.95 -12.80
C LEU A 144 0.64 -19.24 -13.00
N ARG A 145 1.79 -19.36 -12.34
CA ARG A 145 2.63 -20.53 -12.47
C ARG A 145 2.96 -21.20 -11.14
N LYS A 146 2.97 -22.52 -11.18
CA LYS A 146 3.28 -23.37 -10.03
C LYS A 146 2.36 -23.16 -8.86
N TRP A 147 1.11 -22.82 -9.15
CA TRP A 147 0.12 -22.60 -8.12
C TRP A 147 0.27 -23.50 -6.91
N GLN A 148 0.02 -22.90 -5.75
CA GLN A 148 0.07 -23.59 -4.50
C GLN A 148 -1.03 -22.93 -3.69
N PHE A 149 -1.95 -23.74 -3.22
CA PHE A 149 -3.08 -23.27 -2.44
C PHE A 149 -2.58 -22.66 -1.16
N ASP A 150 -3.06 -21.46 -0.86
CA ASP A 150 -2.62 -20.77 0.36
C ASP A 150 -3.76 -19.97 1.01
N VAL A 151 -3.48 -19.42 2.19
CA VAL A 151 -4.44 -18.62 2.94
C VAL A 151 -3.83 -17.25 3.28
N TRP A 152 -4.63 -16.19 3.14
CA TRP A 152 -4.15 -14.84 3.42
C TRP A 152 -5.14 -13.96 4.16
N SER A 153 -4.68 -13.38 5.26
CA SER A 153 -5.50 -12.50 6.08
C SER A 153 -4.72 -12.22 7.35
N ASN A 154 -4.97 -11.06 7.96
CA ASN A 154 -4.26 -10.74 9.17
C ASN A 154 -4.47 -11.87 10.16
N ASP A 155 -5.69 -12.37 10.25
CA ASP A 155 -5.97 -13.46 11.16
C ASP A 155 -5.02 -14.59 10.90
N VAL A 156 -4.72 -14.82 9.62
CA VAL A 156 -3.82 -15.90 9.23
C VAL A 156 -2.42 -15.54 9.66
N THR A 157 -2.10 -14.25 9.68
CA THR A 157 -0.77 -13.82 10.08
C THR A 157 -0.65 -14.14 11.55
N LEU A 158 -1.74 -13.87 12.26
CA LEU A 158 -1.79 -14.09 13.69
C LEU A 158 -1.59 -15.52 14.13
N ALA A 159 -2.31 -16.44 13.50
CA ALA A 159 -2.22 -17.85 13.82
C ALA A 159 -0.80 -18.39 13.66
N ASN A 160 0.00 -17.70 12.85
CA ASN A 160 1.40 -18.07 12.59
C ASN A 160 2.22 -17.76 13.83
N HIS A 161 1.99 -16.58 14.38
CA HIS A 161 2.69 -16.12 15.58
C HIS A 161 2.18 -16.91 16.78
N MET A 162 0.97 -17.44 16.66
CA MET A 162 0.39 -18.27 17.70
C MET A 162 1.22 -19.55 17.70
N GLU A 163 1.67 -19.95 16.53
CA GLU A 163 2.52 -21.12 16.40
C GLU A 163 3.86 -20.76 17.00
N ALA A 164 4.32 -19.55 16.68
CA ALA A 164 5.58 -19.04 17.17
C ALA A 164 5.46 -18.61 18.63
N GLY A 165 4.51 -19.20 19.35
CA GLY A 165 4.31 -18.88 20.74
C GLY A 165 3.83 -20.05 21.57
N GLY A 166 3.95 -21.26 21.04
CA GLY A 166 3.51 -22.45 21.76
C GLY A 166 4.55 -23.01 22.71
N LYS A 167 4.12 -23.75 23.72
CA LYS A 167 5.06 -24.33 24.69
C LYS A 167 5.07 -25.87 24.70
N ALA A 168 6.23 -26.43 24.35
CA ALA A 168 6.42 -27.88 24.30
C ALA A 168 5.30 -28.51 23.51
N GLY A 169 4.63 -27.71 22.70
CA GLY A 169 3.55 -28.25 21.92
C GLY A 169 2.32 -28.47 22.76
N ARG A 170 1.87 -27.42 23.40
CA ARG A 170 0.63 -27.46 24.13
C ARG A 170 0.01 -26.64 23.04
N ILE A 171 -1.25 -26.89 22.76
CA ILE A 171 -1.92 -26.17 21.69
C ILE A 171 -2.29 -24.72 22.03
N HIS A 172 -1.80 -23.77 21.22
CA HIS A 172 -2.11 -22.37 21.44
C HIS A 172 -3.49 -22.15 20.83
N ILE A 173 -4.30 -21.31 21.46
CA ILE A 173 -5.63 -20.98 20.98
C ILE A 173 -5.99 -19.59 21.41
N THR A 174 -6.06 -18.71 20.43
CA THR A 174 -6.41 -17.32 20.63
C THR A 174 -7.79 -17.23 21.26
N LYS A 175 -8.07 -16.15 21.97
CA LYS A 175 -9.37 -16.00 22.60
C LYS A 175 -10.51 -16.20 21.61
N ALA A 176 -10.23 -15.94 20.33
CA ALA A 176 -11.26 -16.13 19.30
C ALA A 176 -11.50 -17.62 19.07
N THR A 177 -10.50 -18.43 19.38
CA THR A 177 -10.58 -19.89 19.22
C THR A 177 -11.40 -20.52 20.34
N LEU A 178 -11.49 -19.82 21.47
CA LEU A 178 -12.23 -20.32 22.61
C LEU A 178 -13.71 -19.97 22.46
N SER A 179 -13.99 -18.93 21.68
CA SER A 179 -15.38 -18.48 21.46
C SER A 179 -16.11 -19.35 20.44
N TYR A 180 -15.37 -20.24 19.79
CA TYR A 180 -15.98 -21.15 18.82
C TYR A 180 -15.89 -22.55 19.40
N LEU A 181 -15.13 -22.69 20.47
CA LEU A 181 -14.99 -23.98 21.13
C LEU A 181 -16.23 -24.25 21.95
N ASN A 182 -17.07 -23.23 22.08
CA ASN A 182 -18.28 -23.35 22.87
C ASN A 182 -17.86 -23.91 24.22
N GLY A 183 -16.72 -23.44 24.70
CA GLY A 183 -16.18 -23.86 25.99
C GLY A 183 -16.17 -25.35 26.22
N ASP A 184 -15.83 -26.13 25.20
CA ASP A 184 -15.80 -27.57 25.32
C ASP A 184 -14.50 -28.11 25.91
N TYR A 185 -13.37 -27.65 25.39
CA TYR A 185 -12.08 -28.10 25.87
C TYR A 185 -11.61 -27.31 27.08
N GLU A 186 -10.54 -27.79 27.70
CA GLU A 186 -9.95 -27.16 28.89
C GLU A 186 -8.69 -26.36 28.54
N VAL A 187 -8.77 -25.03 28.64
CA VAL A 187 -7.63 -24.20 28.32
C VAL A 187 -7.08 -23.50 29.55
N GLU A 188 -5.83 -23.09 29.46
CA GLU A 188 -5.18 -22.37 30.55
C GLU A 188 -4.45 -21.17 29.96
N PRO A 189 -4.28 -20.09 30.75
CA PRO A 189 -3.61 -18.88 30.29
C PRO A 189 -2.20 -19.10 29.76
N GLY A 190 -2.04 -18.88 28.46
CA GLY A 190 -0.75 -19.02 27.84
C GLY A 190 0.07 -17.77 28.02
N CYS A 191 -0.54 -16.73 28.57
CA CYS A 191 0.16 -15.47 28.77
C CYS A 191 0.89 -15.06 27.49
N GLY A 192 0.37 -15.50 26.34
CA GLY A 192 1.01 -15.16 25.09
C GLY A 192 1.34 -13.69 25.03
N GLY A 193 2.31 -13.32 24.22
CA GLY A 193 2.69 -11.93 24.12
C GLY A 193 4.02 -11.75 24.77
N GLU A 194 4.20 -12.44 25.88
CA GLU A 194 5.46 -12.41 26.62
C GLU A 194 6.34 -13.40 25.85
N ARG A 195 5.68 -14.40 25.29
CA ARG A 195 6.37 -15.43 24.53
C ARG A 195 6.73 -14.89 23.15
N ASN A 196 5.77 -14.22 22.52
CA ASN A 196 6.00 -13.66 21.20
C ASN A 196 5.59 -12.20 21.15
N ALA A 197 6.47 -11.37 20.60
CA ALA A 197 6.20 -9.95 20.51
C ALA A 197 4.85 -9.62 19.86
N TYR A 198 4.60 -10.15 18.67
CA TYR A 198 3.37 -9.89 17.94
C TYR A 198 2.08 -10.16 18.70
N LEU A 199 2.11 -11.12 19.62
CA LEU A 199 0.92 -11.41 20.39
C LEU A 199 0.73 -10.26 21.38
N LYS A 200 1.83 -9.84 21.98
CA LYS A 200 1.81 -8.75 22.93
C LYS A 200 1.46 -7.46 22.19
N GLU A 201 2.10 -7.23 21.04
CA GLU A 201 1.84 -6.03 20.26
C GLU A 201 0.36 -5.71 20.13
N HIS A 202 -0.46 -6.73 19.86
CA HIS A 202 -1.89 -6.48 19.72
C HIS A 202 -2.65 -6.91 20.97
N SER A 203 -1.88 -7.18 22.03
CA SER A 203 -2.36 -7.57 23.36
C SER A 203 -3.33 -8.75 23.47
N ILE A 204 -3.21 -9.68 22.54
CA ILE A 204 -4.07 -10.86 22.45
C ILE A 204 -3.99 -11.90 23.59
N GLU A 205 -5.12 -12.17 24.23
CA GLU A 205 -5.21 -13.12 25.33
C GLU A 205 -5.04 -14.56 24.86
N THR A 206 -3.88 -15.14 25.12
CA THR A 206 -3.58 -16.50 24.70
C THR A 206 -3.83 -17.58 25.74
N PHE A 207 -4.28 -18.74 25.28
CA PHE A 207 -4.55 -19.84 26.18
C PHE A 207 -3.81 -21.11 25.73
N LEU A 208 -4.10 -22.22 26.40
CA LEU A 208 -3.48 -23.50 26.09
C LEU A 208 -4.37 -24.67 26.49
N ILE A 209 -4.72 -25.49 25.49
CA ILE A 209 -5.56 -26.66 25.74
C ILE A 209 -4.80 -27.57 26.70
N LEU A 210 -5.53 -28.41 27.43
CA LEU A 210 -4.92 -29.33 28.39
C LEU A 210 -5.14 -30.80 28.01
N GLN B 11 15.58 -37.51 -5.69
CA GLN B 11 17.06 -37.58 -5.85
C GLN B 11 17.72 -36.33 -5.27
N SER B 12 19.04 -36.40 -5.09
CA SER B 12 19.83 -35.29 -4.53
C SER B 12 20.82 -34.73 -5.55
N TYR B 13 20.94 -33.41 -5.62
CA TYR B 13 21.88 -32.80 -6.56
C TYR B 13 23.15 -32.34 -5.88
N ASP B 14 24.12 -31.92 -6.67
CA ASP B 14 25.42 -31.48 -6.14
C ASP B 14 25.64 -29.98 -6.35
N CYS B 15 24.80 -29.38 -7.20
CA CYS B 15 24.90 -27.96 -7.50
C CYS B 15 23.54 -27.44 -7.94
N VAL B 16 22.82 -26.83 -7.00
CA VAL B 16 21.52 -26.26 -7.27
C VAL B 16 21.47 -24.86 -6.68
N CYS B 17 21.51 -23.87 -7.56
CA CYS B 17 21.51 -22.47 -7.19
C CYS B 17 20.15 -21.99 -6.68
N VAL B 18 19.99 -21.88 -5.35
CA VAL B 18 18.69 -21.45 -4.74
C VAL B 18 18.55 -19.95 -4.53
N MET B 19 17.40 -19.39 -4.92
CA MET B 19 17.19 -17.96 -4.73
C MET B 19 15.86 -17.57 -4.13
N PHE B 20 15.93 -16.75 -3.10
CA PHE B 20 14.77 -16.26 -2.46
C PHE B 20 14.75 -14.78 -2.85
N ALA B 21 13.53 -14.22 -2.98
CA ALA B 21 13.32 -12.81 -3.33
C ALA B 21 12.06 -12.29 -2.61
N SER B 22 12.23 -11.88 -1.35
CA SER B 22 11.13 -11.40 -0.55
C SER B 22 10.92 -9.90 -0.61
N ILE B 23 9.71 -9.49 -0.21
CA ILE B 23 9.29 -8.09 -0.19
C ILE B 23 8.85 -7.74 1.23
N PRO B 24 9.76 -7.25 2.07
CA PRO B 24 9.33 -6.93 3.42
C PRO B 24 8.26 -5.84 3.37
N ASP B 25 8.43 -4.93 2.41
CA ASP B 25 7.54 -3.79 2.19
C ASP B 25 6.07 -4.17 1.96
N PHE B 26 5.80 -5.47 1.88
CA PHE B 26 4.42 -5.84 1.65
C PHE B 26 3.68 -6.06 2.93
N LYS B 27 4.32 -6.68 3.92
CA LYS B 27 3.67 -6.97 5.20
C LYS B 27 2.93 -5.74 5.69
N GLU B 28 3.44 -4.57 5.29
CA GLU B 28 2.84 -3.31 5.69
C GLU B 28 1.76 -2.85 4.73
N PHE B 29 2.07 -2.86 3.44
CA PHE B 29 1.10 -2.45 2.42
C PHE B 29 -0.21 -3.23 2.54
N TYR B 30 -0.13 -4.46 3.05
CA TYR B 30 -1.32 -5.24 3.20
C TYR B 30 -2.15 -4.67 4.31
N THR B 31 -3.29 -4.11 3.90
CA THR B 31 -4.25 -3.49 4.80
C THR B 31 -5.52 -4.31 4.70
N GLU B 32 -6.18 -4.51 5.83
CA GLU B 32 -7.43 -5.25 5.80
C GLU B 32 -8.48 -4.19 6.15
N SER B 33 -9.03 -3.55 5.12
CA SER B 33 -10.05 -2.51 5.32
C SER B 33 -11.31 -2.76 4.53
N ASP B 34 -12.37 -2.00 4.84
CA ASP B 34 -13.65 -2.11 4.15
C ASP B 34 -13.58 -1.50 2.75
N VAL B 35 -12.48 -0.84 2.47
CA VAL B 35 -12.27 -0.22 1.19
C VAL B 35 -11.66 -1.27 0.26
N ASN B 36 -10.57 -1.88 0.74
CA ASN B 36 -9.83 -2.90 0.01
C ASN B 36 -10.47 -4.27 0.15
N LYS B 37 -11.80 -4.30 0.14
CA LYS B 37 -12.54 -5.55 0.27
C LYS B 37 -11.89 -6.49 1.31
N GLU B 38 -11.38 -5.91 2.39
CA GLU B 38 -10.80 -6.67 3.45
C GLU B 38 -9.52 -7.37 3.10
N GLY B 39 -8.57 -6.63 2.54
CA GLY B 39 -7.27 -7.23 2.21
C GLY B 39 -7.17 -7.90 0.85
N LEU B 40 -8.29 -7.98 0.15
CA LEU B 40 -8.31 -8.59 -1.16
C LEU B 40 -7.60 -7.71 -2.16
N GLU B 41 -8.15 -6.53 -2.43
CA GLU B 41 -7.57 -5.61 -3.43
C GLU B 41 -6.07 -5.39 -3.37
N CYS B 42 -5.42 -5.91 -2.34
CA CYS B 42 -3.97 -5.78 -2.21
C CYS B 42 -3.30 -7.10 -2.53
N LEU B 43 -4.08 -8.15 -2.51
CA LEU B 43 -3.58 -9.44 -2.87
C LEU B 43 -3.70 -9.35 -4.37
N ARG B 44 -4.80 -8.80 -4.80
CA ARG B 44 -5.11 -8.60 -6.20
C ARG B 44 -3.93 -7.87 -6.85
N LEU B 45 -3.20 -7.10 -6.04
CA LEU B 45 -2.07 -6.39 -6.55
C LEU B 45 -0.85 -7.25 -6.38
N LEU B 46 -0.86 -8.11 -5.37
CA LEU B 46 0.27 -9.03 -5.12
C LEU B 46 0.27 -10.15 -6.13
N ASN B 47 -0.90 -10.40 -6.69
CA ASN B 47 -1.07 -11.43 -7.69
C ASN B 47 -0.45 -10.79 -8.91
N GLU B 48 -0.85 -9.55 -9.16
CA GLU B 48 -0.35 -8.79 -10.30
C GLU B 48 1.17 -8.70 -10.30
N ILE B 49 1.78 -9.05 -9.18
CA ILE B 49 3.21 -9.01 -9.07
C ILE B 49 3.79 -10.37 -9.32
N ILE B 50 3.42 -11.32 -8.48
CA ILE B 50 3.90 -12.71 -8.56
C ILE B 50 3.70 -13.20 -9.96
N ALA B 51 2.49 -13.00 -10.47
CA ALA B 51 2.15 -13.43 -11.80
C ALA B 51 3.06 -12.73 -12.78
N ASP B 52 3.22 -11.42 -12.61
CA ASP B 52 4.08 -10.64 -13.49
C ASP B 52 5.54 -11.13 -13.31
N PHE B 53 5.81 -11.77 -12.17
CA PHE B 53 7.14 -12.28 -11.87
C PHE B 53 7.35 -13.62 -12.49
N ASP B 54 6.25 -14.33 -12.77
CA ASP B 54 6.31 -15.65 -13.40
C ASP B 54 6.47 -15.52 -14.91
N ASP B 55 6.16 -14.35 -15.44
CA ASP B 55 6.28 -14.10 -16.85
C ASP B 55 7.73 -14.12 -17.28
N LEU B 56 8.61 -14.51 -16.37
CA LEU B 56 10.01 -14.56 -16.69
C LEU B 56 10.40 -15.99 -17.04
N LEU B 57 9.93 -16.95 -16.25
CA LEU B 57 10.24 -18.35 -16.45
C LEU B 57 10.04 -18.81 -17.89
N SER B 58 9.26 -18.05 -18.66
CA SER B 58 8.97 -18.40 -20.03
C SER B 58 9.78 -17.58 -21.03
N LYS B 59 11.01 -17.27 -20.65
CA LYS B 59 11.87 -16.48 -21.52
C LYS B 59 13.08 -17.32 -21.95
N PRO B 60 13.79 -16.86 -22.99
CA PRO B 60 14.96 -17.59 -23.47
C PRO B 60 16.06 -17.58 -22.42
N LYS B 61 16.40 -16.39 -21.95
CA LYS B 61 17.46 -16.22 -20.95
C LYS B 61 17.29 -17.08 -19.70
N PHE B 62 16.04 -17.21 -19.24
CA PHE B 62 15.75 -17.95 -18.03
C PHE B 62 15.01 -19.24 -18.34
N SER B 63 15.38 -19.83 -19.45
CA SER B 63 14.77 -21.06 -19.87
C SER B 63 15.10 -22.14 -18.84
N GLY B 64 16.20 -21.93 -18.12
CA GLY B 64 16.63 -22.91 -17.13
C GLY B 64 16.29 -22.53 -15.72
N VAL B 65 15.56 -21.43 -15.56
CA VAL B 65 15.17 -20.97 -14.24
C VAL B 65 13.93 -21.72 -13.80
N GLU B 66 13.96 -22.34 -12.63
CA GLU B 66 12.78 -23.06 -12.13
C GLU B 66 12.20 -22.33 -10.94
N LYS B 67 10.87 -22.21 -10.88
CA LYS B 67 10.21 -21.53 -9.78
C LYS B 67 9.75 -22.58 -8.79
N ILE B 68 10.52 -22.77 -7.73
CA ILE B 68 10.22 -23.75 -6.70
C ILE B 68 8.88 -23.55 -6.00
N LYS B 69 8.63 -22.34 -5.52
CA LYS B 69 7.38 -22.02 -4.84
C LYS B 69 7.23 -20.52 -4.53
N THR B 70 6.26 -20.18 -3.68
CA THR B 70 6.04 -18.80 -3.29
C THR B 70 5.59 -18.75 -1.84
N ILE B 71 6.40 -18.13 -0.99
CA ILE B 71 6.08 -18.01 0.43
C ILE B 71 5.41 -16.64 0.69
N GLY B 72 4.08 -16.63 0.72
CA GLY B 72 3.38 -15.40 0.97
C GLY B 72 3.80 -14.27 0.06
N SER B 73 4.70 -13.43 0.54
CA SER B 73 5.19 -12.32 -0.26
C SER B 73 6.68 -12.53 -0.55
N THR B 74 7.08 -13.80 -0.73
CA THR B 74 8.47 -14.22 -0.99
C THR B 74 8.64 -15.26 -2.12
N TYR B 75 9.20 -14.84 -3.25
CA TYR B 75 9.43 -15.67 -4.44
C TYR B 75 10.59 -16.64 -4.26
N MET B 76 10.36 -17.94 -4.47
CA MET B 76 11.44 -18.95 -4.33
C MET B 76 11.84 -19.76 -5.59
N ALA B 77 12.90 -19.34 -6.27
CA ALA B 77 13.37 -20.02 -7.47
C ALA B 77 14.63 -20.84 -7.26
N ALA B 78 15.05 -21.54 -8.30
CA ALA B 78 16.24 -22.38 -8.25
C ALA B 78 16.63 -22.82 -9.67
N THR B 79 17.91 -22.66 -10.02
CA THR B 79 18.41 -23.06 -11.34
C THR B 79 19.40 -24.18 -11.18
N GLY B 80 19.38 -25.15 -12.10
CA GLY B 80 20.32 -26.26 -12.02
C GLY B 80 19.72 -27.59 -11.62
N LEU B 81 18.44 -27.77 -11.91
CA LEU B 81 17.73 -29.00 -11.59
C LEU B 81 17.43 -29.87 -12.81
N SER B 82 17.96 -29.46 -13.96
CA SER B 82 17.75 -30.20 -15.20
C SER B 82 18.99 -31.01 -15.62
N ALA B 83 19.97 -31.09 -14.72
CA ALA B 83 21.20 -31.80 -15.04
C ALA B 83 21.69 -32.78 -13.98
N ILE B 84 22.51 -33.71 -14.42
CA ILE B 84 23.12 -34.74 -13.58
C ILE B 84 23.50 -34.24 -12.19
N ARG B 95 30.07 -23.85 -18.70
CA ARG B 95 30.67 -24.37 -17.47
C ARG B 95 29.68 -25.18 -16.64
N GLN B 96 30.15 -25.61 -15.48
CA GLN B 96 29.36 -26.41 -14.53
C GLN B 96 28.65 -25.54 -13.52
N TYR B 97 29.20 -24.35 -13.28
CA TYR B 97 28.62 -23.40 -12.35
C TYR B 97 28.49 -22.05 -13.05
N MET B 98 27.57 -21.99 -13.99
CA MET B 98 27.31 -20.77 -14.75
C MET B 98 25.91 -20.30 -14.47
N HIS B 99 24.99 -21.25 -14.30
CA HIS B 99 23.60 -20.93 -14.02
C HIS B 99 23.48 -20.12 -12.73
N ILE B 100 24.59 -20.03 -11.98
CA ILE B 100 24.61 -19.25 -10.77
C ILE B 100 24.49 -17.83 -11.31
N GLY B 101 25.32 -17.52 -12.31
CA GLY B 101 25.29 -16.21 -12.92
C GLY B 101 23.95 -15.97 -13.60
N THR B 102 23.28 -17.06 -13.94
CA THR B 102 21.97 -16.98 -14.61
C THR B 102 20.93 -16.62 -13.57
N MET B 103 21.02 -17.28 -12.43
CA MET B 103 20.10 -17.04 -11.31
C MET B 103 20.13 -15.55 -10.93
N VAL B 104 21.31 -14.97 -10.96
CA VAL B 104 21.50 -13.56 -10.63
C VAL B 104 20.89 -12.70 -11.71
N GLU B 105 21.06 -13.11 -12.95
CA GLU B 105 20.49 -12.34 -14.04
C GLU B 105 18.98 -12.28 -13.86
N PHE B 106 18.48 -13.27 -13.11
CA PHE B 106 17.06 -13.41 -12.82
C PHE B 106 16.74 -12.59 -11.59
N ALA B 107 17.70 -12.41 -10.70
CA ALA B 107 17.46 -11.58 -9.53
C ALA B 107 17.24 -10.21 -10.13
N TYR B 108 18.14 -9.85 -11.03
CA TYR B 108 18.10 -8.58 -11.74
C TYR B 108 16.84 -8.48 -12.58
N ALA B 109 16.32 -9.65 -12.91
CA ALA B 109 15.10 -9.75 -13.70
C ALA B 109 13.88 -9.34 -12.89
N LEU B 110 13.70 -9.98 -11.74
CA LEU B 110 12.56 -9.67 -10.88
C LEU B 110 12.57 -8.16 -10.54
N VAL B 111 13.76 -7.63 -10.24
CA VAL B 111 13.86 -6.22 -9.89
C VAL B 111 13.38 -5.31 -11.01
N GLY B 112 13.81 -5.58 -12.23
CA GLY B 112 13.37 -4.75 -13.33
C GLY B 112 11.86 -4.65 -13.34
N LYS B 113 11.20 -5.79 -13.13
CA LYS B 113 9.74 -5.88 -13.11
C LYS B 113 9.14 -5.29 -11.84
N LEU B 114 9.65 -5.72 -10.70
CA LEU B 114 9.16 -5.25 -9.42
C LEU B 114 9.12 -3.76 -9.31
N ASP B 115 10.15 -3.09 -9.82
CA ASP B 115 10.21 -1.64 -9.77
C ASP B 115 9.24 -1.02 -10.76
N ALA B 116 9.10 -1.65 -11.92
CA ALA B 116 8.21 -1.16 -12.97
C ALA B 116 6.75 -1.18 -12.49
N ILE B 117 6.36 -2.22 -11.76
CA ILE B 117 5.00 -2.32 -11.22
C ILE B 117 4.74 -1.07 -10.37
N ASN B 118 5.75 -0.59 -9.67
CA ASN B 118 5.64 0.61 -8.82
C ASN B 118 5.13 1.77 -9.68
N LYS B 119 5.79 1.96 -10.81
CA LYS B 119 5.46 3.02 -11.75
C LYS B 119 3.96 3.14 -12.02
N HIS B 120 3.22 2.06 -11.76
CA HIS B 120 1.78 2.04 -12.00
C HIS B 120 0.95 1.80 -10.77
N SER B 121 1.61 1.77 -9.62
CA SER B 121 0.91 1.58 -8.37
C SER B 121 1.33 2.74 -7.46
N PHE B 122 2.23 3.57 -7.99
CA PHE B 122 2.76 4.72 -7.28
C PHE B 122 3.31 4.22 -5.98
N ASN B 123 3.68 2.95 -5.96
CA ASN B 123 4.25 2.33 -4.77
C ASN B 123 5.76 2.33 -4.92
N ASP B 124 6.45 1.87 -3.89
CA ASP B 124 7.90 1.83 -3.93
C ASP B 124 8.43 0.56 -3.33
N PHE B 125 8.38 -0.52 -4.10
CA PHE B 125 8.86 -1.76 -3.56
C PHE B 125 10.31 -2.01 -3.89
N LYS B 126 10.97 -2.70 -2.97
CA LYS B 126 12.36 -3.04 -3.15
C LYS B 126 12.47 -4.54 -2.99
N LEU B 127 13.41 -5.14 -3.71
CA LEU B 127 13.59 -6.56 -3.67
C LEU B 127 14.77 -6.91 -2.78
N ARG B 128 14.59 -7.91 -1.93
CA ARG B 128 15.69 -8.35 -1.05
C ARG B 128 16.02 -9.79 -1.46
N VAL B 129 17.31 -10.10 -1.72
CA VAL B 129 17.69 -11.41 -2.19
C VAL B 129 18.75 -12.23 -1.45
N GLY B 130 18.61 -13.55 -1.53
CA GLY B 130 19.55 -14.49 -0.92
C GLY B 130 19.84 -15.74 -1.77
N ILE B 131 20.79 -15.61 -2.68
CA ILE B 131 21.20 -16.68 -3.61
C ILE B 131 22.28 -17.53 -2.99
N ASN B 132 22.30 -18.81 -3.33
CA ASN B 132 23.32 -19.73 -2.80
C ASN B 132 23.34 -20.99 -3.67
N HIS B 133 24.29 -21.91 -3.42
CA HIS B 133 24.37 -23.15 -4.18
C HIS B 133 24.95 -24.29 -3.38
N GLY B 134 24.86 -25.49 -3.92
CA GLY B 134 25.38 -26.67 -3.25
C GLY B 134 24.45 -27.85 -3.44
N PRO B 135 24.44 -28.83 -2.52
CA PRO B 135 23.56 -29.99 -2.66
C PRO B 135 22.19 -29.76 -2.03
N VAL B 136 21.15 -29.95 -2.83
CA VAL B 136 19.77 -29.82 -2.36
C VAL B 136 19.10 -31.15 -2.70
N ILE B 137 18.29 -31.65 -1.79
CA ILE B 137 17.64 -32.93 -2.02
C ILE B 137 16.21 -32.73 -2.50
N ALA B 138 16.08 -32.34 -3.77
CA ALA B 138 14.80 -32.08 -4.40
C ALA B 138 13.94 -33.32 -4.41
N GLY B 139 12.62 -33.11 -4.44
CA GLY B 139 11.67 -34.20 -4.44
C GLY B 139 10.29 -33.73 -4.05
N VAL B 140 9.36 -34.67 -3.85
CA VAL B 140 8.00 -34.31 -3.49
C VAL B 140 7.68 -34.82 -2.10
N ILE B 141 6.55 -34.39 -1.57
CA ILE B 141 6.16 -34.81 -0.24
C ILE B 141 4.66 -34.64 -0.05
N GLY B 142 4.10 -35.41 0.89
CA GLY B 142 2.68 -35.31 1.16
C GLY B 142 1.89 -36.54 0.78
N ALA B 143 0.81 -36.79 1.51
CA ALA B 143 -0.06 -37.94 1.27
C ALA B 143 -1.28 -37.59 0.41
N GLN B 144 -1.62 -36.30 0.37
CA GLN B 144 -2.77 -35.79 -0.38
C GLN B 144 -2.48 -35.21 -1.76
N LYS B 145 -1.88 -34.02 -1.77
CA LYS B 145 -1.49 -33.33 -2.99
C LYS B 145 0.00 -33.16 -2.74
N PRO B 146 0.83 -33.98 -3.38
CA PRO B 146 2.27 -33.87 -3.19
C PRO B 146 2.79 -32.55 -3.73
N GLN B 147 3.87 -32.02 -3.14
CA GLN B 147 4.45 -30.76 -3.61
C GLN B 147 5.96 -30.93 -3.80
N TYR B 148 6.49 -30.27 -4.83
CA TYR B 148 7.92 -30.36 -5.16
C TYR B 148 8.79 -29.29 -4.49
N ASP B 149 9.46 -29.66 -3.40
CA ASP B 149 10.31 -28.71 -2.66
C ASP B 149 11.74 -29.24 -2.52
N ILE B 150 12.70 -28.34 -2.53
CA ILE B 150 14.09 -28.74 -2.42
C ILE B 150 14.66 -28.58 -1.03
N TRP B 151 14.73 -29.67 -0.27
CA TRP B 151 15.29 -29.60 1.07
C TRP B 151 16.81 -29.52 1.01
N GLY B 152 17.44 -29.35 2.17
CA GLY B 152 18.90 -29.27 2.23
C GLY B 152 19.46 -28.02 2.91
N ASN B 153 20.65 -28.13 3.50
CA ASN B 153 21.24 -26.98 4.17
C ASN B 153 21.57 -25.87 3.17
N THR B 154 21.87 -26.25 1.94
CA THR B 154 22.18 -25.26 0.91
C THR B 154 21.07 -24.24 0.84
N VAL B 155 19.84 -24.70 1.08
CA VAL B 155 18.63 -23.87 1.04
C VAL B 155 18.41 -23.19 2.39
N ASN B 156 18.80 -23.86 3.46
CA ASN B 156 18.67 -23.32 4.81
C ASN B 156 19.30 -21.92 4.80
N VAL B 157 20.52 -21.86 4.30
CA VAL B 157 21.29 -20.63 4.20
C VAL B 157 20.71 -19.69 3.15
N ALA B 158 20.37 -20.24 2.01
CA ALA B 158 19.82 -19.45 0.92
C ALA B 158 18.70 -18.56 1.43
N SER B 159 17.97 -19.02 2.43
CA SER B 159 16.88 -18.22 2.99
C SER B 159 17.44 -17.27 4.02
N ARG B 160 18.24 -17.81 4.93
CA ARG B 160 18.84 -17.00 5.99
C ARG B 160 19.71 -15.88 5.38
N MET B 161 20.10 -16.03 4.13
CA MET B 161 20.92 -15.02 3.46
C MET B 161 20.03 -14.03 2.76
N ASP B 162 18.73 -14.23 2.92
CA ASP B 162 17.73 -13.37 2.36
C ASP B 162 17.05 -12.65 3.52
N SER B 163 16.64 -13.41 4.52
CA SER B 163 15.96 -12.87 5.70
C SER B 163 16.77 -11.79 6.39
N THR B 164 18.06 -11.76 6.14
CA THR B 164 18.94 -10.79 6.76
C THR B 164 19.65 -9.91 5.75
N GLY B 165 19.13 -9.82 4.56
CA GLY B 165 19.78 -9.01 3.55
C GLY B 165 19.44 -7.55 3.54
N VAL B 166 19.78 -6.89 2.45
CA VAL B 166 19.54 -5.46 2.23
C VAL B 166 18.73 -5.25 0.95
N LEU B 167 17.79 -4.31 0.97
CA LEU B 167 16.96 -4.05 -0.19
C LEU B 167 17.78 -3.57 -1.42
N ASP B 168 17.42 -4.05 -2.60
CA ASP B 168 18.07 -3.71 -3.87
C ASP B 168 19.45 -4.32 -4.02
N LYS B 169 19.82 -5.12 -3.04
CA LYS B 169 21.12 -5.77 -3.05
C LYS B 169 20.90 -7.28 -3.03
N ILE B 170 21.90 -8.04 -3.45
CA ILE B 170 21.81 -9.48 -3.41
C ILE B 170 22.94 -9.93 -2.48
N GLN B 171 22.59 -10.75 -1.48
CA GLN B 171 23.55 -11.24 -0.48
C GLN B 171 24.02 -12.64 -0.74
N VAL B 172 25.27 -12.78 -1.17
CA VAL B 172 25.85 -14.07 -1.49
C VAL B 172 26.91 -14.52 -0.52
N THR B 173 27.07 -15.83 -0.35
CA THR B 173 28.07 -16.37 0.57
C THR B 173 29.51 -16.22 0.07
N GLU B 174 30.44 -16.86 0.79
CA GLU B 174 31.85 -16.81 0.45
C GLU B 174 32.12 -17.39 -0.93
N GLU B 175 31.85 -18.69 -1.10
CA GLU B 175 32.07 -19.37 -2.37
C GLU B 175 31.32 -18.70 -3.52
N THR B 176 30.07 -18.34 -3.27
CA THR B 176 29.24 -17.69 -4.25
C THR B 176 29.87 -16.35 -4.58
N SER B 177 30.48 -15.74 -3.57
CA SER B 177 31.17 -14.46 -3.75
C SER B 177 32.22 -14.70 -4.80
N LEU B 178 33.02 -15.72 -4.57
CA LEU B 178 34.10 -16.08 -5.47
C LEU B 178 33.62 -16.28 -6.88
N ILE B 179 32.92 -17.38 -7.12
CA ILE B 179 32.42 -17.69 -8.46
C ILE B 179 31.89 -16.49 -9.24
N LEU B 180 31.10 -15.66 -8.56
CA LEU B 180 30.50 -14.49 -9.21
C LEU B 180 31.52 -13.52 -9.76
N GLN B 181 32.68 -13.45 -9.15
CA GLN B 181 33.70 -12.55 -9.63
C GLN B 181 34.30 -13.09 -10.94
N THR B 182 34.56 -14.40 -11.01
CA THR B 182 35.12 -15.01 -12.21
C THR B 182 34.15 -14.91 -13.38
N LEU B 183 32.99 -14.29 -13.13
CA LEU B 183 31.98 -14.15 -14.16
C LEU B 183 31.80 -12.70 -14.57
N GLY B 184 32.50 -11.81 -13.87
CA GLY B 184 32.42 -10.40 -14.17
C GLY B 184 31.64 -9.59 -13.14
N TYR B 185 31.46 -10.15 -11.95
CA TYR B 185 30.71 -9.50 -10.88
C TYR B 185 31.56 -9.15 -9.64
N THR B 186 31.51 -7.90 -9.21
CA THR B 186 32.25 -7.46 -8.02
C THR B 186 31.42 -7.74 -6.79
N CYS B 187 32.06 -8.06 -5.67
CA CYS B 187 31.36 -8.37 -4.43
C CYS B 187 31.93 -7.69 -3.19
N THR B 188 31.06 -7.09 -2.38
CA THR B 188 31.49 -6.43 -1.15
C THR B 188 30.97 -7.17 0.08
N CYS B 189 31.85 -7.36 1.06
CA CYS B 189 31.51 -8.07 2.29
C CYS B 189 30.59 -7.28 3.21
N ARG B 190 29.36 -7.76 3.35
CA ARG B 190 28.39 -7.12 4.22
C ARG B 190 29.01 -7.21 5.61
N GLY B 191 29.53 -8.39 5.89
CA GLY B 191 30.14 -8.64 7.18
C GLY B 191 29.90 -10.07 7.56
N ILE B 192 29.51 -10.27 8.81
CA ILE B 192 29.26 -11.59 9.34
C ILE B 192 27.80 -11.65 9.77
N ILE B 193 27.16 -12.77 9.54
CA ILE B 193 25.77 -12.93 9.94
C ILE B 193 25.60 -14.36 10.39
N ASN B 194 24.97 -14.54 11.53
CA ASN B 194 24.80 -15.88 12.04
C ASN B 194 23.71 -16.65 11.34
N VAL B 195 24.14 -17.61 10.54
CA VAL B 195 23.22 -18.47 9.85
C VAL B 195 23.06 -19.55 10.94
N LYS B 196 21.92 -19.53 11.62
CA LYS B 196 21.68 -20.46 12.71
C LYS B 196 22.01 -21.91 12.38
N GLY B 197 22.59 -22.61 13.35
CA GLY B 197 22.94 -24.00 13.15
C GLY B 197 24.27 -24.20 12.42
N LYS B 198 24.50 -23.37 11.40
CA LYS B 198 25.74 -23.44 10.63
C LYS B 198 26.72 -22.46 11.30
N GLY B 199 26.17 -21.65 12.21
CA GLY B 199 26.98 -20.67 12.94
C GLY B 199 27.23 -19.38 12.19
N ASP B 200 28.10 -18.53 12.74
CA ASP B 200 28.44 -17.27 12.09
C ASP B 200 29.25 -17.50 10.81
N LEU B 201 28.73 -17.03 9.68
CA LEU B 201 29.41 -17.17 8.41
C LEU B 201 29.62 -15.82 7.78
N LYS B 202 30.50 -15.73 6.80
CA LYS B 202 30.77 -14.46 6.14
C LYS B 202 29.96 -14.38 4.84
N THR B 203 29.27 -13.28 4.65
CA THR B 203 28.45 -13.06 3.47
C THR B 203 28.96 -11.85 2.73
N TYR B 204 28.59 -11.73 1.48
CA TYR B 204 29.00 -10.60 0.67
C TYR B 204 27.76 -10.09 -0.03
N PHE B 205 27.88 -8.98 -0.73
CA PHE B 205 26.77 -8.40 -1.45
C PHE B 205 27.15 -8.22 -2.87
N VAL B 206 26.24 -8.47 -3.79
CA VAL B 206 26.60 -8.32 -5.18
C VAL B 206 26.48 -6.88 -5.65
N ASN B 207 27.66 -6.29 -5.87
CA ASN B 207 27.79 -4.91 -6.32
C ASN B 207 26.91 -4.69 -7.52
N THR B 208 25.90 -3.84 -7.35
CA THR B 208 24.96 -3.55 -8.42
C THR B 208 25.60 -2.49 -9.35
N ALA C 39 -29.10 0.75 -10.02
CA ALA C 39 -27.82 0.80 -10.79
C ALA C 39 -26.72 1.51 -10.01
N THR C 40 -25.63 0.81 -9.73
CA THR C 40 -24.50 1.38 -8.96
C THR C 40 -23.25 1.72 -9.76
N HIS C 41 -22.73 2.91 -9.50
CA HIS C 41 -21.53 3.43 -10.14
C HIS C 41 -20.52 3.81 -9.05
N ARG C 42 -19.23 3.60 -9.32
CA ARG C 42 -18.19 3.95 -8.35
C ARG C 42 -17.24 4.95 -9.00
N LEU C 43 -16.99 6.05 -8.32
CA LEU C 43 -16.12 7.08 -8.86
C LEU C 43 -14.88 7.28 -8.00
N LEU C 44 -13.73 7.47 -8.65
CA LEU C 44 -12.50 7.70 -7.90
C LEU C 44 -12.06 9.09 -8.30
N LEU C 45 -11.61 9.87 -7.34
CA LEU C 45 -11.14 11.21 -7.61
C LEU C 45 -9.65 11.21 -7.38
N LEU C 46 -8.90 11.66 -8.39
CA LEU C 46 -7.46 11.72 -8.28
C LEU C 46 -7.05 13.14 -8.56
N GLY C 47 -5.83 13.50 -8.18
CA GLY C 47 -5.34 14.84 -8.40
C GLY C 47 -4.10 15.12 -7.61
N ALA C 48 -3.42 16.20 -7.93
CA ALA C 48 -2.20 16.55 -7.22
C ALA C 48 -2.53 16.89 -5.77
N GLY C 49 -1.65 17.65 -5.13
CA GLY C 49 -1.87 18.03 -3.74
C GLY C 49 -2.79 19.24 -3.54
N GLU C 50 -3.88 19.03 -2.82
CA GLU C 50 -4.84 20.09 -2.53
C GLU C 50 -5.62 20.59 -3.75
N SER C 51 -5.78 19.76 -4.76
CA SER C 51 -6.50 20.14 -5.98
C SER C 51 -7.93 20.52 -5.72
N GLY C 52 -8.51 19.93 -4.67
CA GLY C 52 -9.89 20.23 -4.32
C GLY C 52 -10.81 19.06 -4.50
N LYS C 53 -10.36 17.90 -4.02
CA LYS C 53 -11.11 16.65 -4.11
C LYS C 53 -12.20 16.53 -3.03
N SER C 54 -11.74 16.49 -1.79
CA SER C 54 -12.64 16.36 -0.63
C SER C 54 -13.74 17.42 -0.64
N THR C 55 -13.40 18.61 -1.13
CA THR C 55 -14.36 19.71 -1.21
C THR C 55 -15.51 19.26 -2.13
N ILE C 56 -15.17 18.51 -3.18
CA ILE C 56 -16.16 18.02 -4.10
C ILE C 56 -17.01 17.01 -3.37
N VAL C 57 -16.36 16.06 -2.72
CA VAL C 57 -17.09 15.05 -1.98
C VAL C 57 -17.98 15.68 -0.93
N LYS C 58 -17.66 16.90 -0.54
CA LYS C 58 -18.47 17.60 0.45
C LYS C 58 -19.62 18.20 -0.32
N GLN C 59 -19.35 18.69 -1.51
CA GLN C 59 -20.40 19.25 -2.31
C GLN C 59 -21.43 18.18 -2.44
N MET C 60 -20.96 16.96 -2.61
CA MET C 60 -21.84 15.79 -2.76
C MET C 60 -22.80 15.58 -1.58
N ARG C 61 -22.27 15.60 -0.35
CA ARG C 61 -23.16 15.42 0.78
C ARG C 61 -24.21 16.52 0.68
N ILE C 62 -23.72 17.74 0.60
CA ILE C 62 -24.56 18.93 0.51
C ILE C 62 -25.70 18.83 -0.48
N LEU C 63 -25.42 18.29 -1.64
CA LEU C 63 -26.42 18.18 -2.68
C LEU C 63 -27.24 16.91 -2.69
N HIS C 64 -26.73 15.84 -2.09
CA HIS C 64 -27.47 14.57 -2.09
C HIS C 64 -27.52 13.80 -0.78
N VAL C 65 -27.14 14.44 0.32
CA VAL C 65 -27.13 13.76 1.63
C VAL C 65 -27.59 14.70 2.75
N GLY C 86 -26.51 20.32 11.72
CA GLY C 86 -26.51 20.14 13.15
C GLY C 86 -25.14 19.84 13.72
N GLU C 87 -24.44 18.89 13.11
CA GLU C 87 -23.09 18.50 13.56
C GLU C 87 -22.07 19.56 13.15
N LYS C 88 -22.58 20.67 12.61
CA LYS C 88 -21.75 21.78 12.18
C LYS C 88 -21.03 22.41 13.37
N ALA C 89 -21.26 21.88 14.57
CA ALA C 89 -20.64 22.42 15.78
C ALA C 89 -19.41 21.64 16.23
N THR C 90 -18.99 20.66 15.42
CA THR C 90 -17.81 19.86 15.76
C THR C 90 -16.66 20.14 14.81
N LYS C 91 -16.96 20.80 13.69
CA LYS C 91 -15.94 21.14 12.71
C LYS C 91 -15.60 22.62 12.78
N VAL C 92 -16.20 23.31 13.75
CA VAL C 92 -15.93 24.74 13.92
C VAL C 92 -14.47 24.84 14.24
N GLN C 93 -14.02 23.93 15.10
CA GLN C 93 -12.64 23.86 15.54
C GLN C 93 -11.69 23.97 14.35
N ASP C 94 -11.70 22.95 13.50
CA ASP C 94 -10.84 22.91 12.33
C ASP C 94 -10.83 24.22 11.58
N ILE C 95 -11.94 24.94 11.63
CA ILE C 95 -12.04 26.22 10.94
C ILE C 95 -11.10 27.22 11.55
N LYS C 96 -11.15 27.34 12.87
CA LYS C 96 -10.29 28.26 13.57
C LYS C 96 -8.85 27.81 13.39
N ASN C 97 -8.62 26.49 13.35
CA ASN C 97 -7.27 25.98 13.18
C ASN C 97 -6.72 26.37 11.83
N ASN C 98 -7.61 26.61 10.88
CA ASN C 98 -7.21 27.04 9.56
C ASN C 98 -6.75 28.48 9.74
N LEU C 99 -7.73 29.31 10.10
CA LEU C 99 -7.47 30.73 10.35
C LEU C 99 -6.11 30.90 11.05
N LYS C 100 -5.84 29.99 12.00
CA LYS C 100 -4.62 30.03 12.75
C LYS C 100 -3.46 29.90 11.80
N GLU C 101 -3.35 28.74 11.16
CA GLU C 101 -2.26 28.54 10.22
C GLU C 101 -2.25 29.75 9.27
N ALA C 102 -3.40 30.01 8.63
CA ALA C 102 -3.56 31.09 7.66
C ALA C 102 -2.65 32.26 7.98
N ILE C 103 -2.81 32.79 9.17
CA ILE C 103 -2.04 33.94 9.60
C ILE C 103 -0.61 33.62 10.00
N GLU C 104 -0.42 32.71 10.94
CA GLU C 104 0.93 32.36 11.38
C GLU C 104 1.84 31.96 10.25
N THR C 105 1.26 31.45 9.17
CA THR C 105 2.06 31.05 8.01
C THR C 105 2.47 32.31 7.26
N ILE C 106 1.52 33.24 7.06
CA ILE C 106 1.85 34.47 6.37
C ILE C 106 2.92 35.22 7.15
N VAL C 107 2.68 35.51 8.42
CA VAL C 107 3.66 36.27 9.20
C VAL C 107 4.98 35.56 9.16
N ALA C 108 4.99 34.26 9.40
CA ALA C 108 6.23 33.49 9.40
C ALA C 108 7.08 33.83 8.19
N ALA C 109 6.53 33.60 7.00
CA ALA C 109 7.26 33.84 5.77
C ALA C 109 7.53 35.28 5.37
N MET C 110 7.44 36.23 6.30
CA MET C 110 7.71 37.63 5.96
C MET C 110 9.18 37.96 6.03
N SER C 111 9.88 37.33 6.96
CA SER C 111 11.31 37.55 7.14
C SER C 111 12.09 36.67 6.16
N ASN C 112 11.64 35.41 6.04
CA ASN C 112 12.26 34.41 5.17
C ASN C 112 12.37 34.81 3.68
N LEU C 113 11.30 35.41 3.15
CA LEU C 113 11.30 35.83 1.74
C LEU C 113 12.46 36.76 1.37
N VAL C 114 12.87 36.68 0.13
CA VAL C 114 13.98 37.50 -0.36
C VAL C 114 13.59 38.21 -1.64
N PRO C 115 13.51 39.56 -1.61
CA PRO C 115 13.75 40.42 -0.45
C PRO C 115 12.69 40.26 0.62
N PRO C 116 12.95 40.80 1.83
CA PRO C 116 12.03 40.74 2.97
C PRO C 116 10.75 41.56 2.81
N VAL C 117 9.70 41.13 3.50
CA VAL C 117 8.41 41.80 3.46
C VAL C 117 8.13 42.40 4.84
N GLU C 118 8.49 43.68 5.03
CA GLU C 118 8.25 44.32 6.32
C GLU C 118 6.96 45.09 6.37
N LEU C 119 6.34 45.03 7.55
CA LEU C 119 5.07 45.67 7.82
C LEU C 119 5.13 47.18 7.60
N ALA C 120 3.96 47.82 7.63
CA ALA C 120 3.85 49.27 7.44
C ALA C 120 3.66 49.93 8.78
N ASN C 121 3.14 49.16 9.72
CA ASN C 121 2.90 49.65 11.08
C ASN C 121 3.90 48.93 11.98
N PRO C 122 5.10 49.51 12.15
CA PRO C 122 6.14 48.92 12.99
C PRO C 122 5.52 48.42 14.31
N GLU C 123 4.49 49.14 14.75
CA GLU C 123 3.80 48.81 15.97
C GLU C 123 3.49 47.32 16.03
N ASN C 124 3.03 46.78 14.91
CA ASN C 124 2.67 45.36 14.81
C ASN C 124 3.80 44.37 15.06
N GLN C 125 4.99 44.87 15.32
CA GLN C 125 6.09 43.97 15.59
C GLN C 125 5.71 43.04 16.75
N PHE C 126 4.91 43.57 17.67
CA PHE C 126 4.49 42.83 18.85
C PHE C 126 3.32 41.89 18.59
N ARG C 127 2.58 42.15 17.52
CA ARG C 127 1.46 41.29 17.16
C ARG C 127 2.04 40.15 16.34
N VAL C 128 3.23 40.39 15.80
CA VAL C 128 3.93 39.41 15.02
C VAL C 128 4.55 38.43 16.02
N ASP C 129 5.09 38.97 17.09
CA ASP C 129 5.70 38.14 18.12
C ASP C 129 4.63 37.30 18.81
N TYR C 130 3.38 37.75 18.70
CA TYR C 130 2.29 37.02 19.34
C TYR C 130 1.94 35.75 18.59
N ILE C 131 1.63 35.93 17.31
CA ILE C 131 1.27 34.80 16.47
C ILE C 131 2.45 33.82 16.35
N LEU C 132 3.68 34.36 16.39
CA LEU C 132 4.89 33.54 16.29
C LEU C 132 5.22 32.87 17.61
N SER C 133 4.46 33.23 18.65
CA SER C 133 4.69 32.65 19.95
C SER C 133 3.60 31.65 20.23
N VAL C 134 2.78 31.37 19.23
CA VAL C 134 1.69 30.43 19.39
C VAL C 134 1.66 29.43 18.26
N MET C 135 2.56 29.60 17.29
CA MET C 135 2.59 28.72 16.12
C MET C 135 2.71 27.23 16.41
N ASN C 136 3.57 26.85 17.34
CA ASN C 136 3.76 25.43 17.65
C ASN C 136 3.01 25.00 18.88
N VAL C 137 2.23 25.91 19.45
CA VAL C 137 1.50 25.59 20.65
C VAL C 137 0.45 24.51 20.44
N PRO C 138 0.50 23.45 21.26
CA PRO C 138 -0.50 22.40 21.11
C PRO C 138 -1.85 22.87 21.67
N ASP C 139 -2.93 22.36 21.09
CA ASP C 139 -4.32 22.68 21.46
C ASP C 139 -4.75 24.07 21.94
N PHE C 140 -4.33 25.09 21.21
CA PHE C 140 -4.65 26.48 21.50
C PHE C 140 -6.11 26.57 21.90
N ASP C 141 -6.39 27.32 22.96
CA ASP C 141 -7.75 27.49 23.48
C ASP C 141 -8.58 28.54 22.73
N PHE C 142 -7.91 29.31 21.89
CA PHE C 142 -8.48 30.41 21.09
C PHE C 142 -9.08 31.52 21.93
N PRO C 143 -8.25 32.48 22.29
CA PRO C 143 -8.63 33.64 23.09
C PRO C 143 -8.88 34.83 22.19
N PRO C 144 -9.67 35.78 22.67
CA PRO C 144 -9.99 36.97 21.90
C PRO C 144 -8.73 37.69 21.43
N GLU C 145 -7.65 37.58 22.19
CA GLU C 145 -6.39 38.23 21.84
C GLU C 145 -5.91 37.78 20.47
N PHE C 146 -6.07 36.47 20.22
CA PHE C 146 -5.66 35.89 18.95
C PHE C 146 -6.40 36.55 17.81
N TYR C 147 -7.71 36.42 17.86
CA TYR C 147 -8.55 37.02 16.86
C TYR C 147 -8.12 38.46 16.68
N GLU C 148 -7.79 39.10 17.79
CA GLU C 148 -7.39 40.48 17.75
C GLU C 148 -6.11 40.71 16.99
N HIS C 149 -4.99 40.42 17.63
CA HIS C 149 -3.70 40.65 17.01
C HIS C 149 -3.67 40.07 15.57
N ALA C 150 -4.28 38.90 15.39
CA ALA C 150 -4.30 38.29 14.07
C ALA C 150 -4.98 39.23 13.10
N LYS C 151 -6.18 39.64 13.46
CA LYS C 151 -6.96 40.52 12.61
C LYS C 151 -6.25 41.84 12.32
N ALA C 152 -5.59 42.39 13.32
CA ALA C 152 -4.90 43.66 13.10
C ALA C 152 -3.76 43.37 12.12
N LEU C 153 -3.18 42.17 12.23
CA LEU C 153 -2.08 41.76 11.35
C LEU C 153 -2.60 41.65 9.94
N TRP C 154 -3.82 41.16 9.82
CA TRP C 154 -4.44 41.01 8.53
C TRP C 154 -4.73 42.42 8.03
N GLU C 155 -5.12 43.28 8.95
CA GLU C 155 -5.43 44.66 8.63
C GLU C 155 -4.18 45.40 8.19
N ASP C 156 -3.02 44.81 8.49
CA ASP C 156 -1.71 45.38 8.16
C ASP C 156 -1.35 45.20 6.68
N GLU C 157 -0.85 46.26 6.05
CA GLU C 157 -0.47 46.22 4.64
C GLU C 157 0.75 45.39 4.27
N GLY C 158 1.67 45.23 5.19
CA GLY C 158 2.86 44.44 4.90
C GLY C 158 2.59 42.96 5.06
N VAL C 159 1.50 42.62 5.73
CA VAL C 159 1.12 41.23 5.94
C VAL C 159 0.41 40.77 4.68
N ARG C 160 -0.29 41.69 4.02
CA ARG C 160 -0.98 41.37 2.79
C ARG C 160 0.11 41.30 1.73
N ALA C 161 1.02 42.24 1.76
CA ALA C 161 2.12 42.26 0.79
C ALA C 161 2.78 40.89 0.78
N CYS C 162 2.90 40.33 1.96
CA CYS C 162 3.50 39.02 2.14
C CYS C 162 2.55 37.99 1.61
N TYR C 163 1.27 38.34 1.59
CA TYR C 163 0.24 37.45 1.09
C TYR C 163 0.10 37.46 -0.42
N GLU C 164 0.46 38.56 -1.06
CA GLU C 164 0.37 38.62 -2.53
C GLU C 164 1.48 37.82 -3.17
N ARG C 165 2.35 37.28 -2.33
CA ARG C 165 3.47 36.47 -2.74
C ARG C 165 3.42 35.17 -1.91
N SER C 166 2.21 34.71 -1.63
CA SER C 166 1.99 33.51 -0.84
C SER C 166 2.25 32.26 -1.66
N ASN C 167 2.91 32.41 -2.80
CA ASN C 167 3.23 31.27 -3.65
C ASN C 167 4.68 30.85 -3.47
N GLU C 168 5.50 31.78 -2.98
CA GLU C 168 6.91 31.53 -2.72
C GLU C 168 7.07 30.72 -1.44
N TYR C 169 5.93 30.39 -0.82
CA TYR C 169 5.87 29.62 0.42
C TYR C 169 4.52 28.90 0.53
N GLN C 170 4.54 27.64 0.95
CA GLN C 170 3.31 26.85 1.05
C GLN C 170 2.31 27.39 2.08
N LEU C 171 1.08 27.61 1.63
CA LEU C 171 0.01 28.15 2.46
C LEU C 171 -1.30 27.56 1.97
N ILE C 172 -2.32 27.54 2.80
CA ILE C 172 -3.59 26.97 2.33
C ILE C 172 -4.36 27.92 1.42
N ASP C 173 -5.48 27.48 0.87
CA ASP C 173 -6.27 28.33 -0.03
C ASP C 173 -7.35 29.15 0.66
N CYS C 174 -7.85 28.62 1.78
CA CYS C 174 -8.91 29.28 2.52
C CYS C 174 -8.46 30.55 3.24
N ALA C 175 -7.17 30.87 3.13
CA ALA C 175 -6.61 32.05 3.78
C ALA C 175 -7.44 33.29 3.62
N GLN C 176 -7.40 33.84 2.40
CA GLN C 176 -8.15 35.06 2.06
C GLN C 176 -9.54 35.03 2.68
N TYR C 177 -10.19 33.89 2.54
CA TYR C 177 -11.54 33.69 3.03
C TYR C 177 -11.69 33.78 4.54
N PHE C 178 -11.10 32.84 5.29
CA PHE C 178 -11.26 32.88 6.73
C PHE C 178 -10.85 34.17 7.44
N LEU C 179 -9.66 34.68 7.12
CA LEU C 179 -9.13 35.92 7.71
C LEU C 179 -10.09 37.11 7.54
N ASP C 180 -10.83 37.11 6.44
CA ASP C 180 -11.74 38.20 6.19
C ASP C 180 -12.98 38.12 7.06
N LYS C 181 -13.05 37.09 7.90
CA LYS C 181 -14.19 36.96 8.81
C LYS C 181 -13.76 36.52 10.19
N ILE C 182 -12.72 37.18 10.71
CA ILE C 182 -12.27 36.81 12.02
C ILE C 182 -13.44 37.14 12.89
N ASP C 183 -14.04 38.29 12.59
CA ASP C 183 -15.20 38.80 13.34
C ASP C 183 -16.32 37.79 13.46
N VAL C 184 -16.63 37.16 12.34
CA VAL C 184 -17.70 36.17 12.26
C VAL C 184 -17.34 34.86 12.93
N ILE C 185 -16.06 34.53 12.91
CA ILE C 185 -15.56 33.30 13.47
C ILE C 185 -15.39 33.35 14.99
N LYS C 186 -14.83 34.47 15.48
CA LYS C 186 -14.57 34.61 16.90
C LYS C 186 -15.74 34.42 17.85
N GLN C 187 -16.94 34.68 17.39
CA GLN C 187 -18.13 34.53 18.24
C GLN C 187 -18.23 33.19 18.96
N ASP C 188 -19.02 33.17 20.04
CA ASP C 188 -19.23 31.96 20.82
C ASP C 188 -20.40 31.20 20.22
N ASP C 189 -21.14 31.87 19.34
CA ASP C 189 -22.30 31.27 18.67
C ASP C 189 -21.92 30.99 17.22
N TYR C 190 -20.66 31.24 16.87
CA TYR C 190 -20.22 31.02 15.52
C TYR C 190 -20.50 29.60 15.10
N VAL C 191 -21.43 29.46 14.17
CA VAL C 191 -21.79 28.17 13.61
C VAL C 191 -21.45 28.26 12.14
N PRO C 192 -20.57 27.37 11.67
CA PRO C 192 -20.16 27.35 10.27
C PRO C 192 -21.33 27.18 9.34
N SER C 193 -21.45 28.10 8.38
CA SER C 193 -22.51 28.03 7.40
C SER C 193 -22.15 26.91 6.44
N ASP C 194 -22.71 26.89 5.24
CA ASP C 194 -22.35 25.83 4.32
C ASP C 194 -21.03 26.06 3.59
N GLN C 195 -20.78 27.29 3.13
CA GLN C 195 -19.52 27.55 2.44
C GLN C 195 -18.33 27.40 3.41
N ASP C 196 -18.52 27.87 4.64
CA ASP C 196 -17.48 27.81 5.67
C ASP C 196 -17.02 26.37 5.90
N LEU C 197 -17.90 25.40 5.59
CA LEU C 197 -17.56 24.00 5.77
C LEU C 197 -16.98 23.37 4.52
N LEU C 198 -16.94 24.16 3.46
CA LEU C 198 -16.39 23.69 2.19
C LEU C 198 -15.08 24.41 1.95
N ARG C 199 -14.75 25.32 2.86
CA ARG C 199 -13.52 26.08 2.74
C ARG C 199 -12.51 25.61 3.77
N CYS C 200 -13.04 25.02 4.84
CA CYS C 200 -12.23 24.49 5.92
C CYS C 200 -11.41 23.38 5.30
N ARG C 201 -10.08 23.53 5.34
CA ARG C 201 -9.17 22.56 4.76
C ARG C 201 -8.58 21.55 5.73
N VAL C 202 -8.58 20.30 5.32
CA VAL C 202 -8.05 19.24 6.15
C VAL C 202 -7.46 18.21 5.19
N LEU C 203 -6.29 17.67 5.56
CA LEU C 203 -5.61 16.68 4.73
C LEU C 203 -6.29 15.32 4.86
N THR C 204 -6.51 14.67 3.72
CA THR C 204 -7.15 13.35 3.73
C THR C 204 -6.04 12.28 3.80
N SER C 205 -6.14 11.44 4.81
CA SER C 205 -5.15 10.39 5.03
C SER C 205 -5.74 8.98 4.85
N GLY C 206 -5.77 8.49 3.62
CA GLY C 206 -6.33 7.18 3.35
C GLY C 206 -7.47 7.30 2.36
N ILE C 207 -8.43 6.38 2.43
CA ILE C 207 -9.55 6.42 1.52
C ILE C 207 -10.84 6.23 2.29
N PHE C 208 -11.87 7.00 1.92
CA PHE C 208 -13.16 6.96 2.58
C PHE C 208 -14.31 6.85 1.59
N GLU C 209 -15.23 5.93 1.86
CA GLU C 209 -16.37 5.70 0.98
C GLU C 209 -17.68 6.41 1.35
N THR C 210 -18.10 7.35 0.50
CA THR C 210 -19.35 8.09 0.73
C THR C 210 -20.45 7.49 -0.13
N LYS C 211 -21.38 6.82 0.51
CA LYS C 211 -22.48 6.14 -0.19
C LYS C 211 -23.71 7.05 -0.40
N PHE C 212 -23.78 7.73 -1.54
CA PHE C 212 -24.90 8.59 -1.79
C PHE C 212 -25.74 8.11 -2.96
N GLN C 213 -26.95 8.66 -3.06
CA GLN C 213 -27.92 8.28 -4.10
C GLN C 213 -28.47 9.46 -4.86
N VAL C 214 -28.68 9.27 -6.17
CA VAL C 214 -29.19 10.30 -7.07
C VAL C 214 -30.20 9.71 -8.06
N ASP C 215 -31.38 10.34 -8.15
CA ASP C 215 -32.44 9.87 -9.06
C ASP C 215 -32.67 8.36 -9.00
N LYS C 216 -32.68 7.82 -7.78
CA LYS C 216 -32.91 6.40 -7.57
C LYS C 216 -31.81 5.51 -8.23
N VAL C 217 -30.61 6.08 -8.33
CA VAL C 217 -29.43 5.44 -8.90
C VAL C 217 -28.26 5.73 -7.96
N ASN C 218 -27.68 4.67 -7.39
CA ASN C 218 -26.56 4.80 -6.45
C ASN C 218 -25.19 5.25 -6.97
N PHE C 219 -24.50 6.04 -6.16
CA PHE C 219 -23.18 6.49 -6.50
C PHE C 219 -22.28 6.20 -5.31
N HIS C 220 -21.02 5.90 -5.59
CA HIS C 220 -20.03 5.63 -4.56
C HIS C 220 -18.80 6.45 -4.84
N MET C 221 -18.63 7.47 -4.02
CA MET C 221 -17.54 8.43 -4.09
C MET C 221 -16.34 7.94 -3.30
N PHE C 222 -15.15 8.18 -3.83
CA PHE C 222 -13.90 7.75 -3.19
C PHE C 222 -12.85 8.84 -3.24
N ASP C 223 -12.68 9.52 -2.11
CA ASP C 223 -11.67 10.59 -2.00
C ASP C 223 -10.41 9.86 -1.51
N VAL C 224 -9.25 10.26 -2.01
CA VAL C 224 -8.01 9.61 -1.63
C VAL C 224 -6.89 10.60 -1.35
N GLY C 225 -5.92 10.19 -0.54
CA GLY C 225 -4.80 11.04 -0.21
C GLY C 225 -4.26 11.65 -1.48
N GLY C 226 -4.35 12.97 -1.61
CA GLY C 226 -3.86 13.65 -2.80
C GLY C 226 -2.36 13.78 -2.78
N GLN C 227 -1.78 13.57 -1.60
CA GLN C 227 -0.34 13.66 -1.36
C GLN C 227 0.43 12.58 -2.12
N ARG C 228 1.75 12.63 -2.07
CA ARG C 228 2.58 11.66 -2.74
C ARG C 228 2.69 10.38 -1.92
N ASP C 229 2.81 10.54 -0.62
CA ASP C 229 2.92 9.43 0.29
C ASP C 229 1.61 8.64 0.38
N GLU C 230 0.60 9.12 -0.34
CA GLU C 230 -0.72 8.51 -0.33
C GLU C 230 -1.06 7.71 -1.59
N ARG C 231 -0.41 8.06 -2.68
CA ARG C 231 -0.66 7.40 -3.95
C ARG C 231 -0.48 5.89 -3.86
N ARG C 232 -0.02 5.40 -2.72
CA ARG C 232 0.18 3.96 -2.55
C ARG C 232 -1.10 3.28 -2.09
N LYS C 233 -2.24 3.93 -2.31
CA LYS C 233 -3.48 3.31 -1.91
C LYS C 233 -4.54 3.40 -2.99
N TRP C 234 -4.21 4.11 -4.06
CA TRP C 234 -5.14 4.26 -5.18
C TRP C 234 -5.48 2.90 -5.75
N ILE C 235 -4.48 2.19 -6.21
CA ILE C 235 -4.70 0.89 -6.81
C ILE C 235 -5.53 -0.02 -5.91
N GLN C 236 -5.72 0.37 -4.66
CA GLN C 236 -6.53 -0.45 -3.79
C GLN C 236 -7.98 -0.32 -4.20
N CYS C 237 -8.23 0.53 -5.20
CA CYS C 237 -9.59 0.78 -5.72
C CYS C 237 -9.65 0.85 -7.24
N PHE C 238 -8.50 0.65 -7.90
CA PHE C 238 -8.43 0.71 -9.36
C PHE C 238 -9.27 -0.34 -10.06
N ASN C 239 -9.68 -1.35 -9.30
CA ASN C 239 -10.45 -2.47 -9.84
C ASN C 239 -11.95 -2.27 -9.94
N ASP C 240 -12.46 -2.36 -11.17
CA ASP C 240 -13.89 -2.21 -11.44
C ASP C 240 -14.51 -0.94 -10.81
N VAL C 241 -14.12 0.20 -11.35
CA VAL C 241 -14.63 1.50 -10.93
C VAL C 241 -15.05 2.22 -12.21
N THR C 242 -16.27 2.72 -12.22
CA THR C 242 -16.82 3.40 -13.39
C THR C 242 -15.92 4.32 -14.21
N ALA C 243 -15.66 5.51 -13.67
CA ALA C 243 -14.81 6.51 -14.35
C ALA C 243 -14.03 7.33 -13.35
N ILE C 244 -12.88 7.82 -13.77
CA ILE C 244 -12.01 8.57 -12.90
C ILE C 244 -12.15 10.08 -12.94
N ILE C 245 -12.62 10.65 -11.85
CA ILE C 245 -12.74 12.09 -11.79
C ILE C 245 -11.36 12.61 -11.39
N PHE C 246 -10.68 13.27 -12.33
CA PHE C 246 -9.37 13.81 -12.01
C PHE C 246 -9.60 15.22 -11.54
N VAL C 247 -8.73 15.74 -10.69
CA VAL C 247 -8.90 17.11 -10.17
C VAL C 247 -7.62 17.91 -10.34
N VAL C 248 -7.77 19.17 -10.72
CA VAL C 248 -6.57 20.02 -10.89
C VAL C 248 -6.80 21.43 -10.39
N ALA C 249 -5.70 22.12 -10.13
CA ALA C 249 -5.76 23.49 -9.66
C ALA C 249 -5.25 24.38 -10.77
N SER C 250 -6.12 24.67 -11.71
CA SER C 250 -5.80 25.52 -12.85
C SER C 250 -5.10 26.76 -12.37
N SER C 251 -5.34 27.10 -11.12
CA SER C 251 -4.73 28.28 -10.51
C SER C 251 -3.32 28.00 -9.99
N SER C 252 -3.15 26.82 -9.40
CA SER C 252 -1.85 26.42 -8.84
C SER C 252 -0.75 26.32 -9.88
N TYR C 253 -0.88 27.06 -10.97
CA TYR C 253 0.12 27.00 -12.00
C TYR C 253 1.33 27.82 -11.62
N ASN C 254 1.29 28.43 -10.44
CA ASN C 254 2.39 29.28 -9.95
C ASN C 254 2.99 28.92 -8.58
N MET C 255 2.76 27.69 -8.12
CA MET C 255 3.26 27.26 -6.82
C MET C 255 3.86 25.84 -6.87
N VAL C 256 4.98 25.67 -6.19
CA VAL C 256 5.64 24.38 -6.13
C VAL C 256 4.94 23.55 -5.06
N ILE C 257 4.94 22.24 -5.20
CA ILE C 257 4.24 21.35 -4.25
C ILE C 257 4.76 21.41 -2.84
N ARG C 258 4.00 20.80 -1.93
CA ARG C 258 4.37 20.75 -0.52
C ARG C 258 5.32 19.58 -0.30
N GLU C 259 5.10 18.51 -1.04
CA GLU C 259 5.92 17.32 -0.90
C GLU C 259 7.42 17.55 -1.02
N ASP C 260 7.85 18.66 -1.63
CA ASP C 260 9.28 18.93 -1.82
C ASP C 260 9.71 20.37 -1.93
N ASN C 261 8.79 21.22 -2.37
CA ASN C 261 9.04 22.67 -2.54
C ASN C 261 9.95 23.02 -3.73
N GLN C 262 9.81 22.28 -4.84
CA GLN C 262 10.63 22.55 -6.00
C GLN C 262 9.95 22.19 -7.34
N THR C 263 8.87 21.41 -7.28
CA THR C 263 8.16 21.01 -8.49
C THR C 263 6.86 21.76 -8.69
N ASN C 264 6.66 22.33 -9.88
CA ASN C 264 5.43 23.07 -10.14
C ASN C 264 4.20 22.20 -9.86
N ARG C 265 3.24 22.71 -9.08
CA ARG C 265 2.03 21.95 -8.76
C ARG C 265 1.31 21.52 -10.01
N LEU C 266 1.21 22.43 -10.96
CA LEU C 266 0.52 22.15 -12.19
C LEU C 266 1.24 21.09 -12.98
N GLN C 267 2.51 21.31 -13.28
CA GLN C 267 3.30 20.32 -14.06
C GLN C 267 3.32 18.97 -13.34
N GLU C 268 2.97 18.96 -12.05
CA GLU C 268 2.92 17.74 -11.26
C GLU C 268 1.53 17.16 -11.39
N ALA C 269 0.57 17.99 -11.77
CA ALA C 269 -0.78 17.50 -11.95
C ALA C 269 -0.84 16.90 -13.34
N LEU C 270 -0.03 17.44 -14.25
CA LEU C 270 0.03 16.95 -15.61
C LEU C 270 0.65 15.58 -15.60
N ASN C 271 1.80 15.49 -14.95
CA ASN C 271 2.54 14.24 -14.88
C ASN C 271 1.75 13.18 -14.10
N LEU C 272 0.83 13.62 -13.25
CA LEU C 272 0.03 12.68 -12.49
C LEU C 272 -1.05 12.11 -13.40
N PHE C 273 -1.74 13.01 -14.10
CA PHE C 273 -2.80 12.64 -15.06
C PHE C 273 -2.18 11.62 -15.98
N LYS C 274 -0.96 11.93 -16.43
CA LYS C 274 -0.23 11.04 -17.32
C LYS C 274 -0.13 9.62 -16.74
N SER C 275 0.19 9.53 -15.46
CA SER C 275 0.33 8.24 -14.77
C SER C 275 -0.96 7.44 -14.75
N ILE C 276 -2.06 8.10 -14.39
CA ILE C 276 -3.37 7.45 -14.31
C ILE C 276 -3.92 7.08 -15.70
N TRP C 277 -3.94 8.08 -16.58
CA TRP C 277 -4.42 7.93 -17.93
C TRP C 277 -3.76 6.75 -18.62
N ASN C 278 -2.44 6.67 -18.48
CA ASN C 278 -1.63 5.61 -19.10
C ASN C 278 -1.42 4.42 -18.20
N ASN C 279 -2.08 4.41 -17.04
CA ASN C 279 -1.92 3.30 -16.09
C ASN C 279 -2.36 1.96 -16.70
N ARG C 280 -1.60 0.91 -16.38
CA ARG C 280 -1.85 -0.44 -16.90
C ARG C 280 -3.13 -1.07 -16.42
N TRP C 281 -3.81 -0.42 -15.47
CA TRP C 281 -5.07 -0.97 -14.97
C TRP C 281 -6.21 0.00 -15.22
N LEU C 282 -5.87 1.12 -15.87
CA LEU C 282 -6.85 2.15 -16.17
C LEU C 282 -6.84 2.49 -17.65
N ARG C 283 -6.30 1.59 -18.46
CA ARG C 283 -6.24 1.77 -19.92
C ARG C 283 -7.61 1.63 -20.57
N THR C 284 -8.60 1.27 -19.77
CA THR C 284 -9.98 1.11 -20.25
C THR C 284 -10.97 2.06 -19.54
N ILE C 285 -10.55 2.60 -18.39
CA ILE C 285 -11.36 3.50 -17.56
C ILE C 285 -11.28 4.97 -17.96
N SER C 286 -12.44 5.57 -18.23
CA SER C 286 -12.54 6.95 -18.65
C SER C 286 -12.34 7.94 -17.52
N VAL C 287 -11.40 8.87 -17.70
CA VAL C 287 -11.12 9.89 -16.70
C VAL C 287 -11.89 11.12 -17.05
N ILE C 288 -12.53 11.71 -16.04
CA ILE C 288 -13.30 12.94 -16.24
C ILE C 288 -12.61 14.07 -15.48
N LEU C 289 -11.55 14.58 -16.10
CA LEU C 289 -10.71 15.65 -15.61
C LEU C 289 -11.52 16.82 -15.15
N PHE C 290 -11.11 17.40 -14.03
CA PHE C 290 -11.75 18.55 -13.40
C PHE C 290 -10.77 19.70 -13.23
N LEU C 291 -10.75 20.61 -14.18
CA LEU C 291 -9.87 21.76 -14.08
C LEU C 291 -10.49 22.64 -13.00
N ASN C 292 -10.19 22.34 -11.74
CA ASN C 292 -10.77 23.07 -10.61
C ASN C 292 -10.18 24.43 -10.29
N LYS C 293 -10.78 25.10 -9.31
CA LYS C 293 -10.34 26.43 -8.89
C LYS C 293 -10.26 27.34 -10.08
N GLN C 294 -11.34 27.41 -10.85
CA GLN C 294 -11.37 28.25 -12.05
C GLN C 294 -11.42 29.74 -11.72
N ASP C 295 -11.95 30.05 -10.53
CA ASP C 295 -12.05 31.41 -10.05
C ASP C 295 -10.68 32.00 -9.70
N LEU C 296 -9.91 31.23 -8.94
CA LEU C 296 -8.56 31.63 -8.54
C LEU C 296 -7.72 31.80 -9.80
N LEU C 297 -7.76 30.82 -10.69
CA LEU C 297 -7.01 30.90 -11.93
C LEU C 297 -7.21 32.29 -12.54
N ALA C 298 -8.47 32.65 -12.69
CA ALA C 298 -8.83 33.93 -13.27
C ALA C 298 -8.12 35.13 -12.63
N GLU C 299 -8.36 35.34 -11.35
CA GLU C 299 -7.75 36.46 -10.65
C GLU C 299 -6.25 36.53 -10.98
N LYS C 300 -5.54 35.43 -10.75
CA LYS C 300 -4.10 35.39 -11.02
C LYS C 300 -3.86 35.79 -12.46
N VAL C 301 -4.73 35.32 -13.34
CA VAL C 301 -4.61 35.64 -14.75
C VAL C 301 -4.79 37.15 -14.94
N LEU C 302 -6.02 37.59 -14.75
CA LEU C 302 -6.39 38.99 -14.89
C LEU C 302 -5.40 39.95 -14.24
N ALA C 303 -5.18 39.77 -12.95
CA ALA C 303 -4.28 40.63 -12.21
C ALA C 303 -2.92 40.79 -12.89
N GLY C 304 -2.40 39.68 -13.41
CA GLY C 304 -1.10 39.73 -14.08
C GLY C 304 0.12 39.78 -13.16
N LYS C 305 -0.09 39.74 -11.85
CA LYS C 305 1.04 39.77 -10.94
C LYS C 305 1.83 38.48 -11.05
N SER C 306 1.45 37.66 -12.01
CA SER C 306 2.13 36.39 -12.26
C SER C 306 1.71 35.85 -13.61
N LYS C 307 2.48 36.18 -14.63
CA LYS C 307 2.17 35.70 -15.98
C LYS C 307 2.11 34.17 -15.98
N ILE C 308 1.65 33.59 -17.08
CA ILE C 308 1.59 32.14 -17.17
C ILE C 308 2.73 31.65 -18.06
N GLU C 309 3.16 32.49 -18.98
CA GLU C 309 4.23 32.11 -19.90
C GLU C 309 5.64 32.14 -19.33
N ASP C 310 5.78 32.52 -18.08
CA ASP C 310 7.11 32.54 -17.48
C ASP C 310 7.24 31.24 -16.69
N TYR C 311 6.09 30.64 -16.38
CA TYR C 311 6.04 29.38 -15.64
C TYR C 311 5.87 28.23 -16.61
N PHE C 312 5.17 28.48 -17.71
CA PHE C 312 4.92 27.51 -18.77
C PHE C 312 5.11 28.32 -20.05
N PRO C 313 6.37 28.47 -20.52
CA PRO C 313 6.70 29.24 -21.73
C PRO C 313 5.95 28.79 -22.97
N GLU C 314 5.42 27.58 -22.91
CA GLU C 314 4.66 27.03 -24.02
C GLU C 314 3.33 27.75 -24.22
N PHE C 315 3.07 28.73 -23.35
CA PHE C 315 1.84 29.50 -23.42
C PHE C 315 2.01 30.77 -24.24
N ALA C 316 3.25 31.07 -24.62
CA ALA C 316 3.54 32.25 -25.42
C ALA C 316 3.08 32.07 -26.86
N ARG C 317 3.39 30.89 -27.42
CA ARG C 317 3.03 30.54 -28.80
C ARG C 317 1.58 30.07 -28.91
N TYR C 318 0.89 30.09 -27.77
CA TYR C 318 -0.51 29.63 -27.71
C TYR C 318 -1.58 30.66 -28.07
N THR C 319 -2.53 30.20 -28.87
CA THR C 319 -3.64 31.04 -29.31
C THR C 319 -4.90 30.47 -28.69
N THR C 320 -5.99 31.22 -28.78
CA THR C 320 -7.27 30.79 -28.22
C THR C 320 -7.97 29.78 -29.13
N PRO C 321 -8.67 28.80 -28.53
CA PRO C 321 -9.43 27.73 -29.21
C PRO C 321 -10.67 28.15 -30.00
N GLU C 322 -11.04 27.31 -30.95
CA GLU C 322 -12.19 27.55 -31.81
C GLU C 322 -13.47 27.06 -31.16
N ASP C 323 -13.49 25.77 -30.82
CA ASP C 323 -14.64 25.12 -30.19
C ASP C 323 -15.08 25.82 -28.91
N ALA C 324 -14.16 26.57 -28.33
CA ALA C 324 -14.40 27.28 -27.08
C ALA C 324 -15.81 27.81 -26.90
N THR C 325 -16.34 27.60 -25.70
CA THR C 325 -17.64 28.12 -25.34
C THR C 325 -17.39 29.06 -24.16
N PRO C 326 -16.83 30.25 -24.47
CA PRO C 326 -16.53 31.29 -23.50
C PRO C 326 -17.73 31.75 -22.73
N GLU C 327 -17.75 31.38 -21.45
CA GLU C 327 -18.85 31.81 -20.62
C GLU C 327 -18.92 33.30 -20.69
N PRO C 328 -20.09 33.81 -20.32
CA PRO C 328 -20.72 35.10 -20.22
C PRO C 328 -19.81 36.18 -19.66
N GLY C 329 -19.12 36.76 -20.61
CA GLY C 329 -18.21 37.83 -20.30
C GLY C 329 -17.20 37.30 -19.33
N GLU C 330 -16.25 36.57 -19.91
CA GLU C 330 -15.11 35.98 -19.26
C GLU C 330 -14.04 36.56 -20.15
N ASP C 331 -13.28 37.51 -19.60
CA ASP C 331 -12.21 38.20 -20.33
C ASP C 331 -11.39 37.31 -21.26
N PRO C 332 -11.09 37.81 -22.48
CA PRO C 332 -10.30 37.02 -23.43
C PRO C 332 -8.94 36.60 -22.86
N ARG C 333 -8.50 37.27 -21.80
CA ARG C 333 -7.24 36.92 -21.17
C ARG C 333 -7.45 35.63 -20.41
N VAL C 334 -8.62 35.51 -19.79
CA VAL C 334 -8.96 34.30 -19.03
C VAL C 334 -9.33 33.20 -20.01
N THR C 335 -10.23 33.51 -20.94
CA THR C 335 -10.67 32.51 -21.93
C THR C 335 -9.44 31.73 -22.41
N ARG C 336 -8.50 32.40 -23.06
CA ARG C 336 -7.32 31.73 -23.54
C ARG C 336 -6.64 30.88 -22.47
N ALA C 337 -6.35 31.48 -21.33
CA ALA C 337 -5.64 30.80 -20.26
C ALA C 337 -6.21 29.47 -19.78
N LYS C 338 -7.45 29.49 -19.33
CA LYS C 338 -8.10 28.30 -18.80
C LYS C 338 -8.12 27.16 -19.80
N TYR C 339 -8.26 27.48 -21.09
CA TYR C 339 -8.29 26.43 -22.12
C TYR C 339 -6.85 25.98 -22.35
N PHE C 340 -5.90 26.89 -22.23
CA PHE C 340 -4.52 26.51 -22.40
C PHE C 340 -4.28 25.39 -21.43
N ILE C 341 -4.69 25.62 -20.20
CA ILE C 341 -4.53 24.66 -19.13
C ILE C 341 -5.38 23.43 -19.35
N ARG C 342 -6.17 23.45 -20.40
CA ARG C 342 -6.99 22.28 -20.70
C ARG C 342 -6.20 21.42 -21.66
N ASP C 343 -5.70 22.07 -22.71
CA ASP C 343 -4.95 21.40 -23.77
C ASP C 343 -3.62 20.76 -23.32
N GLU C 344 -3.17 21.11 -22.12
CA GLU C 344 -1.95 20.55 -21.58
C GLU C 344 -2.31 19.16 -21.08
N PHE C 345 -3.53 19.04 -20.57
CA PHE C 345 -4.02 17.77 -20.06
C PHE C 345 -4.53 16.97 -21.23
N LEU C 346 -4.96 17.65 -22.29
CA LEU C 346 -5.49 16.97 -23.49
C LEU C 346 -4.45 16.32 -24.38
N ARG C 347 -3.26 16.90 -24.46
CA ARG C 347 -2.21 16.29 -25.26
C ARG C 347 -1.86 14.92 -24.67
N ILE C 348 -2.26 14.67 -23.43
CA ILE C 348 -1.97 13.38 -22.80
C ILE C 348 -3.05 12.40 -23.13
N SER C 349 -4.29 12.86 -23.08
CA SER C 349 -5.40 11.98 -23.38
C SER C 349 -5.52 11.75 -24.87
N THR C 350 -4.77 12.53 -25.66
CA THR C 350 -4.81 12.37 -27.11
C THR C 350 -3.87 11.24 -27.53
N ALA C 351 -2.70 11.15 -26.90
CA ALA C 351 -1.72 10.11 -27.22
C ALA C 351 -2.28 8.69 -27.08
N SER C 352 -2.09 8.08 -25.91
CA SER C 352 -2.59 6.73 -25.73
C SER C 352 -4.08 6.78 -25.56
N GLY C 353 -4.64 5.73 -24.97
CA GLY C 353 -6.08 5.65 -24.80
C GLY C 353 -6.54 4.71 -25.89
N ASP C 354 -6.29 5.10 -27.13
CA ASP C 354 -6.65 4.30 -28.29
C ASP C 354 -8.12 3.91 -28.21
N GLY C 355 -8.99 4.90 -28.08
CA GLY C 355 -10.41 4.64 -28.02
C GLY C 355 -10.93 3.65 -26.97
N ARG C 356 -10.07 3.18 -26.06
CA ARG C 356 -10.54 2.25 -25.04
C ARG C 356 -11.17 3.08 -23.93
N HIS C 357 -10.64 4.30 -23.75
CA HIS C 357 -11.13 5.27 -22.76
C HIS C 357 -10.87 6.68 -23.27
N TYR C 358 -11.80 7.60 -23.02
CA TYR C 358 -11.64 8.97 -23.46
C TYR C 358 -11.61 9.87 -22.26
N CYS C 359 -11.28 11.13 -22.51
CA CYS C 359 -11.19 12.13 -21.44
C CYS C 359 -12.24 13.24 -21.57
N TYR C 360 -13.02 13.43 -20.50
CA TYR C 360 -14.06 14.46 -20.50
C TYR C 360 -13.68 15.54 -19.47
N PRO C 361 -13.14 16.68 -19.93
CA PRO C 361 -12.75 17.76 -19.04
C PRO C 361 -13.95 18.51 -18.54
N HIS C 362 -13.74 19.31 -17.50
CA HIS C 362 -14.80 20.11 -16.90
C HIS C 362 -14.26 21.33 -16.15
N PHE C 363 -14.47 22.53 -16.69
CA PHE C 363 -14.00 23.69 -15.97
C PHE C 363 -14.85 23.70 -14.70
N THR C 364 -14.21 23.83 -13.53
CA THR C 364 -14.95 23.82 -12.27
C THR C 364 -14.47 24.66 -11.08
N CYS C 365 -15.37 24.77 -10.11
CA CYS C 365 -15.16 25.49 -8.87
C CYS C 365 -15.79 24.65 -7.78
N ALA C 366 -15.00 23.76 -7.19
CA ALA C 366 -15.46 22.85 -6.16
C ALA C 366 -16.20 23.48 -5.00
N VAL C 367 -15.96 24.78 -4.75
CA VAL C 367 -16.63 25.46 -3.64
C VAL C 367 -17.89 26.19 -4.07
N ASP C 368 -18.38 25.84 -5.24
CA ASP C 368 -19.58 26.47 -5.76
C ASP C 368 -20.60 25.36 -5.86
N THR C 369 -21.38 25.17 -4.80
CA THR C 369 -22.38 24.12 -4.80
C THR C 369 -23.27 24.30 -6.03
N GLU C 370 -23.18 25.46 -6.64
CA GLU C 370 -23.97 25.77 -7.82
C GLU C 370 -23.30 25.12 -9.02
N ASN C 371 -22.04 25.46 -9.25
CA ASN C 371 -21.31 24.87 -10.34
C ASN C 371 -21.21 23.36 -10.19
N ILE C 372 -20.64 22.89 -9.09
CA ILE C 372 -20.48 21.48 -8.86
C ILE C 372 -21.68 20.66 -9.26
N ARG C 373 -22.89 21.17 -9.08
CA ARG C 373 -24.07 20.38 -9.47
C ARG C 373 -24.20 20.32 -10.98
N ARG C 374 -23.93 21.44 -11.63
CA ARG C 374 -23.99 21.51 -13.08
C ARG C 374 -23.05 20.44 -13.64
N VAL C 375 -21.88 20.29 -13.01
CA VAL C 375 -20.91 19.33 -13.47
C VAL C 375 -21.13 17.90 -13.02
N PHE C 376 -21.57 17.67 -11.79
CA PHE C 376 -21.78 16.28 -11.40
C PHE C 376 -23.01 15.75 -12.10
N ASN C 377 -23.62 16.58 -12.94
CA ASN C 377 -24.79 16.18 -13.72
C ASN C 377 -24.24 15.69 -15.05
N ASP C 378 -23.34 16.45 -15.65
CA ASP C 378 -22.72 16.01 -16.90
C ASP C 378 -22.03 14.74 -16.53
N CYS C 379 -21.53 14.71 -15.30
CA CYS C 379 -20.83 13.55 -14.77
C CYS C 379 -21.82 12.40 -14.56
N ARG C 380 -23.08 12.73 -14.42
CA ARG C 380 -24.08 11.69 -14.23
C ARG C 380 -24.59 11.26 -15.60
N ASP C 381 -24.34 12.13 -16.57
CA ASP C 381 -24.75 11.92 -17.94
C ASP C 381 -23.84 10.87 -18.59
N ILE C 382 -22.58 11.23 -18.77
CA ILE C 382 -21.59 10.37 -19.38
C ILE C 382 -21.51 8.96 -18.79
N ILE C 383 -21.93 8.76 -17.55
CA ILE C 383 -21.89 7.43 -16.97
C ILE C 383 -23.01 6.60 -17.59
N GLN C 384 -24.06 7.30 -18.03
CA GLN C 384 -25.23 6.67 -18.63
C GLN C 384 -25.09 6.64 -20.15
N ARG C 385 -24.63 7.75 -20.71
CA ARG C 385 -24.44 7.87 -22.15
C ARG C 385 -23.44 6.85 -22.70
N MET C 386 -22.20 6.90 -22.23
CA MET C 386 -21.16 5.96 -22.69
C MET C 386 -21.43 4.56 -22.15
N HIS C 387 -22.56 4.41 -21.47
CA HIS C 387 -22.98 3.13 -20.90
C HIS C 387 -21.84 2.55 -20.08
N LEU C 388 -21.27 3.38 -19.22
CA LEU C 388 -20.15 3.01 -18.35
C LEU C 388 -20.60 2.48 -16.98
MN MN D . 10.33 -22.59 9.34
MN MN E . 10.65 -26.24 13.83
C1 FKP F . 0.27 -16.45 6.03
O2 FKP F . 0.01 -16.98 4.76
C2 FKP F . 0.85 -17.65 6.96
C3 FKP F . 1.87 -18.44 6.01
C4 FKP F . 3.10 -17.49 5.79
C5 FKP F . 2.67 -16.09 5.19
C6 FKP F . 3.92 -15.03 5.24
O3 FKP F . 4.32 -14.77 6.59
C7 FKP F . 3.56 -13.66 4.56
O4 FKP F . 4.63 -12.62 4.73
C8 FKP F . 2.26 -12.95 4.98
O1 FKP F . 2.05 -11.81 4.12
C9 FKP F . 1.08 -13.99 4.95
O6 FKP F . 0.95 -14.40 3.62
C10 FKP F . 1.38 -15.34 5.95
C11 FKP F . -0.19 -13.15 5.33
O7 FKP F . -1.12 -13.68 5.88
C12 FKP F . -0.33 -11.63 4.96
C13 FKP F . 0.88 -10.95 4.18
C14 FKP F . 0.44 -10.63 2.78
C15 FKP F . 0.57 -11.50 1.79
C16 FKP F . 1.16 -9.59 4.82
C17 FKP F . 2.63 -12.28 6.38
C18 FKP F . 4.00 -18.21 4.82
C19 FKP F . 4.08 -17.66 6.92
C20 FKP F . 1.54 -14.92 7.47
C21 FKP F . 5.96 -12.82 4.54
O5 FKP F . 6.39 -13.17 3.49
C22 FKP F . 6.90 -12.49 5.78
C23 FKP F . 7.10 -13.50 7.02
C24 FKP F . 7.72 -14.94 6.65
C25 FKP F . 8.55 -15.68 7.79
N1 FKP F . 7.87 -16.93 8.36
C26 FKP F . 8.17 -17.02 9.85
C27 FKP F . 7.52 -18.28 10.50
N2 FKP F . 7.93 -19.55 9.81
C28 FKP F . 7.61 -19.46 8.34
C29 FKP F . 8.33 -18.22 7.67
C30 FKP F . 7.25 -20.68 10.47
CA7 ONA G . 21.08 -28.79 7.97
NA1 ONA G . 19.62 -28.72 7.78
CA6 ONA G . 18.79 -29.57 7.09
CA5 ONA G . 19.38 -30.83 6.35
CA4 ONA G . 18.40 -31.66 5.40
CA3 ONA G . 16.87 -31.39 5.59
CA2 ONA G . 16.51 -30.10 6.39
CA1 ONA G . 17.40 -29.25 7.07
CA ONA G . 16.75 -28.04 7.79
OA ONA G . 16.68 -27.96 9.22
O3' ONA G . 16.26 -27.08 6.95
C3' ONA G . 15.72 -25.75 7.37
C2' ONA G . 15.30 -25.02 6.10
O2' ONA G . 16.29 -25.17 5.08
C4' ONA G . 14.37 -25.86 8.08
C5' ONA G . 13.93 -24.80 9.15
O5' ONA G . 14.68 -23.91 9.68
PA ONA G . 13.74 -22.84 10.45
O3A ONA G . 14.79 -21.69 10.60
O2A ONA G . 12.51 -22.50 9.72
O1A ONA G . 13.49 -23.77 11.70
PB ONA G . 12.42 -23.60 12.80
O3B ONA G . 11.14 -23.75 11.81
O2B ONA G . 12.19 -22.33 13.63
O1B ONA G . 12.75 -24.99 13.39
PG ONA G . 13.53 -24.93 14.72
O3G ONA G . 14.61 -23.70 14.66
O1G ONA G . 12.35 -24.66 15.81
O2G ONA G . 14.23 -26.21 14.96
O4' ONA G . 13.32 -25.89 7.03
C1' ONA G . 13.99 -25.73 5.74
N9 ONA G . 13.15 -24.97 4.75
C8 ONA G . 12.70 -25.49 3.58
N7 ONA G . 11.99 -24.57 2.92
C5 ONA G . 11.96 -23.47 3.66
C4 ONA G . 12.70 -23.72 4.84
N3 ONA G . 12.86 -22.76 5.80
C2 ONA G . 12.33 -21.52 5.72
N1 ONA G . 11.58 -21.20 4.56
C6 ONA G . 11.38 -22.18 3.51
N6 ONA G . 10.69 -21.88 2.42
MN MN H . -8.75 15.75 0.71
CL CL I . -2.36 20.76 -9.65
PG GSP J . -6.19 16.30 0.14
O3B GSP J . -6.28 17.24 -1.19
S1G GSP J . -4.32 16.09 0.40
O2G GSP J . -6.99 17.13 1.04
O3G GSP J . -6.59 14.91 -0.17
PB GSP J . -7.77 17.61 -1.81
O1B GSP J . -7.52 17.33 -3.21
O2B GSP J . -8.94 16.89 -1.27
PA GSP J . -9.24 19.65 -0.59
O1A GSP J . -10.55 19.11 -1.01
O2A GSP J . -8.71 19.43 0.77
O3A GSP J . -8.14 19.15 -1.58
O5' GSP J . -9.28 21.28 -0.83
C5' GSP J . -8.18 22.15 -0.53
C4' GSP J . -8.72 23.56 -0.54
O4' GSP J . -9.22 23.90 -1.89
C3' GSP J . -10.01 23.77 0.37
O3' GSP J . -9.72 24.87 1.31
C2' GSP J . -11.14 24.19 -0.64
O2' GSP J . -12.11 25.10 -0.13
C1' GSP J . -10.34 24.81 -1.79
N9 GSP J . -11.04 24.78 -3.07
C8 GSP J . -11.58 23.77 -3.82
N7 GSP J . -12.13 24.13 -4.94
C5 GSP J . -11.93 25.49 -4.92
C6 GSP J . -12.34 26.46 -5.92
O6 GSP J . -12.95 26.15 -6.94
N1 GSP J . -11.94 27.74 -5.53
C2 GSP J . -11.24 28.09 -4.36
N2 GSP J . -10.93 29.36 -4.12
N3 GSP J . -10.88 27.16 -3.44
C4 GSP J . -11.26 25.89 -3.78
#